data_8RAO
#
_entry.id   8RAO
#
_cell.length_a   1.00
_cell.length_b   1.00
_cell.length_c   1.00
_cell.angle_alpha   90.00
_cell.angle_beta   90.00
_cell.angle_gamma   90.00
#
_symmetry.space_group_name_H-M   'P 1'
#
loop_
_entity.id
_entity.type
_entity.pdbx_description
1 polymer 'Helicase SEN1'
2 polymer RNA
3 non-polymer "ADENOSINE-5'-DIPHOSPHATE"
4 non-polymer 'MAGNESIUM ION'
5 non-polymer 'BERYLLIUM TRIFLUORIDE ION'
#
loop_
_entity_poly.entity_id
_entity_poly.type
_entity_poly.pdbx_seq_one_letter_code
_entity_poly.pdbx_strand_id
1 'polypeptide(L)'
;MNSNNPDNNNSNNINNNNKDKDIAPNSDVQLATVYTKAKSYIPQIEQVYQGTNPNIQEAKLLGELLQVLAEVPKGTHLFC
DPILEPISIFSLTIFSFNEEATATWLKNHFNPILSVCDKCILNFARGKCKMLQHFAIQRHVPHEHVAKFNDIVCQWRVEA
VFPILRNISVNDNTGINITNEIETAMYECLCNPHMLRLNKQLKATFEAIFKFFYDTKHRLLDVTNPLSIKTFISGVIFCW
CEGSKEENEWSRAFLKDLYSRNFHINLSNLTPDIIEEVYIHILFLQNPANWTEIVVSQFWSRLLPVFNLFDKDVFIEYFQ
VPKNVESLKKTFKFPLEPIFKMWYNHLSKSYHDKPLDFLLRGLTMFLNKFGSEFWSKIEPFTFHSILDIIFNRDSFPIKL
IKIQDNPIVEHQTEVYFQLTGSVTDLLSWTLPFYHALSPSKRIQMVRKVSMAFLRIIANYPSLKSIPKACLMNSATALLR
AVLTIKENERAMLYKNDEFETVLLTKTDSRALLNNPLIQDIIIRSASNPNDFYPGLGAASASVATSTMMVLAECIDFDIL
LLCHRTFKLYSGKPISEIPISTNVLENVTNKIDLRSFHDGPLLAKQLLVSLKNINGLLIVPSNTAVAEAHNALNQKFLLL
STRLMEKFADILPGQLSKILADEDASQGFWSCIFSSDKHLYQAATNILYNTFDVEGRLEGILAILNSNLTVNLKNINVML
QRLINCEFYEPCPRAVRVLMDVVSAFVDPISGVFANFQTLKSQNTEKEFLKFWESCWLFLDTIYKFTLKWASKYDYSELE
NFTKDTLDLSRSLVDSFREFSDILHDQTKNLLLNVLETFKNMLYWLRLSDEVLLESCVRLIISTSDLAHEKHVKVDDSLV
EMMAKYASKAKRFSNKLTEQQASEILQKAKIFNKALTEEVATEAENYRKEKELSRLGKVIDLTDSVPASPSLSPSLSSTI
ASSSAESRADYLQRKALSSSITGRPRVAQPKITSFGTFQSSANAKLHRTKPVKPLSKMELARMQLLNNRVVHPPSAPAFH
TKSRGLSNKNDDSSSEESDNDIESARELFAIAKAKGKGIQTVDINGKVVKRQTAAELAKQELEHMRKRLNVDMNPLYEII
LQWDYTRNSEYPDDEPIGNYSDVKDFFNSPADYQKVMKPLLLLESWQGLCSSRDREDYKPFSIIVGNRTAVSDFYDVYAS
VAKQVIQDCGISESDLIVMAYLPDFRPDKRLSSDDFKKAQHTCLAKVRTLKNTKGGNVDVTLRIHRNHSFSKFLTLRSEI
YCVKVMQMTTIEREYSTLEGLEYYDLVGQILQAKPSPPVNVDAAEIETVKKSYKLNTSQAEAIVNSVSKEGFSLIQGPPG
TGKTKTILGIIGYFLSTKNASSSNVIKVPLEKNSSNTEQLLKKQKILICAPSNAAVDEICLRLKSGVYDKQGHQFKPQLV
RVGRSDVVNVAIKDLTLEELVDKRIGERNYEIRTDPELERKFNNAVTKRRELRGKLDSESGNPESPMSTEDISKLQLKIR
ELSKIINELGRDRDEMREKNSVNYRNRDLDRRNAQAHILAVSDIICSTLSGSAHDVLATMGIKFDTVIIDEACQCTELSS
IIPLRYGGKRCIMVGDPNQLPPTVLSGAASNFKYNQSLFVRMEKNSSPYLLDVQYRMHPSISKFPSSEFYQGRLKDGPGM
DILNKRPWHQLEPLAPYKFFDIISGRQEQNAKTMSYTNMEEIRVAIELVDYLFRKFDNKIDFTGKIGIISPYREQMQKMR
KEFARYFGGMINKSIDFNTIDGFQGQEKEIILISCVRADDTKSSVGFLKDFRRMNVALTRAKTSIWVLGHQRSLAKSKLW
RDLIEDAKDRSCLAYACSGFLDPRNNRAQSILRKFNVPVPSEQEDDYKLPMEYITQGPDEVKSNKDTKKRRVVDEGEEAD
KAVKKKKKEKKKEKKKSKADDKKKNNKKAESPSTSSGTKKKSSIFGGMSVPSAVVPKTFPDVDSNKKAAAVVGKKKNNKH
VCFSDDVSFIPRNDEPEIKVTRSLSSVLKEKQLGLKETRTISPPEISNNEDDDDEDDYTPSISDSSLMKSEANGRNNRVA
SHNQNFSASIYDDPQVSQAKQTQVPAAITKHRSSNSVLSGGSSRILTASDYGEPNQNGQNGANRTLSQHVGNANQYSTAP
VGTGELHETLPAHPQDSYPAEAEDPYDLNPHPQPQSSAFKGPGSGPTGTRNSSRRNASSSPFIPKKRKPRS
;
O
2 'polyribonucleotide' AGUCGUGCGUCUAAUAACCGGAGAGGGAACCCACU P
#
loop_
_chem_comp.id
_chem_comp.type
_chem_comp.name
_chem_comp.formula
A RNA linking ADENOSINE-5'-MONOPHOSPHATE 'C10 H14 N5 O7 P'
ADP non-polymer ADENOSINE-5'-DIPHOSPHATE 'C10 H15 N5 O10 P2'
BEF non-polymer 'BERYLLIUM TRIFLUORIDE ION' 'Be F3 -1'
C RNA linking CYTIDINE-5'-MONOPHOSPHATE 'C9 H14 N3 O8 P'
G RNA linking GUANOSINE-5'-MONOPHOSPHATE 'C10 H14 N5 O8 P'
MG non-polymer 'MAGNESIUM ION' 'Mg 2'
U RNA linking URIDINE-5'-MONOPHOSPHATE 'C9 H13 N2 O9 P'
#
# COMPACT_ATOMS: atom_id res chain seq x y z
N ALA A 1095 25.58 22.00 -23.26
CA ALA A 1095 25.97 22.90 -22.17
C ALA A 1095 24.74 23.55 -21.54
N GLU A 1096 24.09 24.44 -22.29
CA GLU A 1096 22.90 25.10 -21.78
C GLU A 1096 21.78 24.10 -21.50
N LEU A 1097 21.60 23.13 -22.38
CA LEU A 1097 20.57 22.12 -22.16
C LEU A 1097 20.86 21.31 -20.90
N ALA A 1098 22.12 20.94 -20.69
CA ALA A 1098 22.48 20.20 -19.48
C ALA A 1098 22.23 21.04 -18.24
N LYS A 1099 22.55 22.33 -18.29
CA LYS A 1099 22.31 23.20 -17.14
C LYS A 1099 20.81 23.32 -16.86
N GLN A 1100 20.00 23.46 -17.89
CA GLN A 1100 18.55 23.53 -17.68
C GLN A 1100 18.02 22.22 -17.11
N GLU A 1101 18.52 21.09 -17.60
CA GLU A 1101 18.09 19.80 -17.08
C GLU A 1101 18.46 19.66 -15.60
N LEU A 1102 19.66 20.07 -15.24
CA LEU A 1102 20.08 20.01 -13.84
C LEU A 1102 19.23 20.93 -12.97
N GLU A 1103 18.93 22.13 -13.47
CA GLU A 1103 18.08 23.05 -12.72
C GLU A 1103 16.70 22.44 -12.49
N HIS A 1104 16.12 21.85 -13.53
CA HIS A 1104 14.81 21.21 -13.38
C HIS A 1104 14.88 20.05 -12.39
N MET A 1105 15.96 19.26 -12.46
CA MET A 1105 16.10 18.12 -11.56
C MET A 1105 16.16 18.59 -10.11
N ARG A 1106 16.95 19.63 -9.83
CA ARG A 1106 17.06 20.11 -8.46
C ARG A 1106 15.74 20.74 -8.00
N LYS A 1107 15.05 21.45 -8.89
CA LYS A 1107 13.76 22.02 -8.52
C LYS A 1107 12.76 20.93 -8.18
N ARG A 1108 12.72 19.86 -8.98
CA ARG A 1108 11.81 18.76 -8.70
C ARG A 1108 12.16 18.06 -7.40
N LEU A 1109 13.46 17.82 -7.17
CA LEU A 1109 13.88 17.16 -5.94
C LEU A 1109 13.70 18.07 -4.73
N ASN A 1110 14.03 19.35 -4.88
CA ASN A 1110 13.94 20.31 -3.79
C ASN A 1110 12.72 21.19 -4.03
N VAL A 1111 11.67 20.99 -3.24
CA VAL A 1111 10.42 21.71 -3.36
C VAL A 1111 10.09 22.34 -2.02
N ASP A 1112 9.72 23.62 -2.03
CA ASP A 1112 9.38 24.33 -0.81
C ASP A 1112 8.10 23.74 -0.22
N MET A 1113 8.20 23.25 1.02
CA MET A 1113 7.07 22.66 1.72
C MET A 1113 6.35 23.64 2.63
N ASN A 1114 6.78 24.91 2.65
CA ASN A 1114 6.18 25.87 3.56
C ASN A 1114 4.70 26.07 3.33
N PRO A 1115 4.20 26.25 2.10
CA PRO A 1115 2.76 26.45 1.92
C PRO A 1115 1.92 25.30 2.45
N LEU A 1116 2.41 24.06 2.32
CA LEU A 1116 1.65 22.91 2.81
C LEU A 1116 1.42 23.02 4.31
N TYR A 1117 2.48 23.31 5.07
CA TYR A 1117 2.31 23.49 6.52
C TYR A 1117 1.45 24.71 6.82
N GLU A 1118 1.67 25.82 6.11
CA GLU A 1118 0.91 27.03 6.37
C GLU A 1118 -0.58 26.80 6.20
N ILE A 1119 -0.96 25.94 5.26
CA ILE A 1119 -2.38 25.67 5.05
C ILE A 1119 -2.89 24.63 6.04
N ILE A 1120 -2.14 23.53 6.20
CA ILE A 1120 -2.59 22.46 7.09
C ILE A 1120 -2.61 22.94 8.53
N LEU A 1121 -1.55 23.63 8.97
CA LEU A 1121 -1.45 24.04 10.36
C LEU A 1121 -2.58 24.97 10.78
N GLN A 1122 -3.19 25.68 9.83
CA GLN A 1122 -4.34 26.53 10.16
C GLN A 1122 -5.58 25.73 10.50
N TRP A 1123 -5.58 24.42 10.24
CA TRP A 1123 -6.74 23.60 10.55
C TRP A 1123 -6.90 23.44 12.07
N ASP A 1124 -8.13 23.19 12.49
CA ASP A 1124 -8.45 23.00 13.89
C ASP A 1124 -8.57 21.50 14.18
N TYR A 1125 -7.73 21.00 15.09
CA TYR A 1125 -7.75 19.58 15.41
C TYR A 1125 -9.10 19.18 16.01
N THR A 1126 -9.65 20.01 16.89
CA THR A 1126 -10.91 19.70 17.55
C THR A 1126 -12.11 19.79 16.62
N ARG A 1127 -11.95 20.38 15.43
CA ARG A 1127 -13.05 20.50 14.49
C ARG A 1127 -13.58 19.12 14.12
N ASN A 1128 -14.90 18.97 14.13
CA ASN A 1128 -15.58 17.73 13.77
C ASN A 1128 -16.40 18.00 12.51
N SER A 1129 -15.78 17.78 11.35
CA SER A 1129 -16.44 18.03 10.08
C SER A 1129 -15.73 17.22 9.00
N GLU A 1130 -16.35 17.16 7.84
CA GLU A 1130 -15.80 16.43 6.70
C GLU A 1130 -14.94 17.31 5.79
N TYR A 1131 -14.77 18.59 6.13
CA TYR A 1131 -13.92 19.49 5.38
C TYR A 1131 -12.98 20.21 6.33
N PRO A 1132 -11.78 20.58 5.86
CA PRO A 1132 -10.84 21.28 6.75
C PRO A 1132 -11.36 22.60 7.27
N ASP A 1133 -12.16 23.32 6.48
CA ASP A 1133 -12.66 24.62 6.85
C ASP A 1133 -14.09 24.78 6.34
N ASP A 1134 -14.69 25.94 6.62
CA ASP A 1134 -16.06 26.24 6.22
C ASP A 1134 -16.13 27.01 4.91
N GLU A 1135 -15.12 26.87 4.05
CA GLU A 1135 -15.14 27.56 2.77
C GLU A 1135 -16.21 26.98 1.87
N PRO A 1136 -16.66 27.74 0.86
CA PRO A 1136 -17.71 27.23 -0.02
C PRO A 1136 -17.31 25.92 -0.69
N ILE A 1137 -18.28 25.02 -0.82
CA ILE A 1137 -18.02 23.73 -1.46
C ILE A 1137 -17.72 23.91 -2.94
N GLY A 1138 -18.13 25.02 -3.54
CA GLY A 1138 -17.89 25.25 -4.96
C GLY A 1138 -16.41 25.30 -5.32
N ASN A 1139 -15.55 25.56 -4.34
CA ASN A 1139 -14.11 25.59 -4.63
C ASN A 1139 -13.63 24.24 -5.12
N TYR A 1140 -14.08 23.16 -4.48
CA TYR A 1140 -13.69 21.82 -4.92
C TYR A 1140 -14.38 21.49 -6.24
N SER A 1141 -13.61 20.88 -7.15
CA SER A 1141 -14.10 20.51 -8.46
C SER A 1141 -13.66 19.09 -8.80
N ASP A 1142 -14.44 18.44 -9.65
CA ASP A 1142 -14.11 17.09 -10.08
C ASP A 1142 -12.84 17.09 -10.92
N VAL A 1143 -12.13 15.96 -10.89
CA VAL A 1143 -10.88 15.82 -11.64
C VAL A 1143 -11.19 15.92 -13.13
N LYS A 1144 -10.71 16.99 -13.76
CA LYS A 1144 -10.96 17.19 -15.18
C LYS A 1144 -10.25 16.13 -16.01
N ASP A 1145 -10.93 15.62 -17.04
CA ASP A 1145 -10.32 14.66 -17.94
C ASP A 1145 -9.15 15.28 -18.67
N PHE A 1146 -9.29 16.53 -19.12
CA PHE A 1146 -8.24 17.25 -19.82
C PHE A 1146 -7.90 18.51 -19.03
N PHE A 1147 -6.59 18.77 -18.88
CA PHE A 1147 -6.10 19.93 -18.16
C PHE A 1147 -5.43 20.88 -19.15
N ASN A 1148 -5.87 22.14 -19.14
CA ASN A 1148 -5.34 23.11 -20.08
C ASN A 1148 -3.85 23.37 -19.85
N SER A 1149 -3.44 23.50 -18.60
CA SER A 1149 -2.06 23.84 -18.27
C SER A 1149 -1.76 23.30 -16.88
N PRO A 1150 -0.48 23.24 -16.50
CA PRO A 1150 -0.14 22.75 -15.15
C PRO A 1150 -0.80 23.55 -14.04
N ALA A 1151 -1.00 24.86 -14.24
CA ALA A 1151 -1.64 25.66 -13.20
C ALA A 1151 -3.05 25.17 -12.91
N ASP A 1152 -3.82 24.87 -13.96
CA ASP A 1152 -5.17 24.35 -13.75
C ASP A 1152 -5.15 23.02 -13.02
N TYR A 1153 -4.22 22.13 -13.39
CA TYR A 1153 -4.12 20.85 -12.72
C TYR A 1153 -3.80 21.02 -11.25
N GLN A 1154 -2.85 21.90 -10.92
CA GLN A 1154 -2.53 22.16 -9.53
C GLN A 1154 -3.71 22.75 -8.78
N LYS A 1155 -4.42 23.70 -9.40
CA LYS A 1155 -5.57 24.30 -8.76
C LYS A 1155 -6.64 23.26 -8.46
N VAL A 1156 -6.87 22.33 -9.39
CA VAL A 1156 -7.88 21.31 -9.18
C VAL A 1156 -7.44 20.33 -8.09
N MET A 1157 -6.17 19.93 -8.11
CA MET A 1157 -5.71 18.86 -7.21
C MET A 1157 -5.52 19.35 -5.79
N LYS A 1158 -5.06 20.60 -5.60
CA LYS A 1158 -4.71 21.05 -4.26
C LYS A 1158 -5.88 20.96 -3.29
N PRO A 1159 -7.08 21.43 -3.61
CA PRO A 1159 -8.20 21.25 -2.66
C PRO A 1159 -8.47 19.79 -2.36
N LEU A 1160 -8.38 18.91 -3.36
CA LEU A 1160 -8.62 17.50 -3.11
C LEU A 1160 -7.55 16.90 -2.20
N LEU A 1161 -6.29 17.26 -2.43
CA LEU A 1161 -5.22 16.77 -1.56
C LEU A 1161 -5.41 17.26 -0.14
N LEU A 1162 -5.77 18.54 0.03
CA LEU A 1162 -6.01 19.06 1.37
C LEU A 1162 -7.18 18.34 2.05
N LEU A 1163 -8.25 18.08 1.29
CA LEU A 1163 -9.39 17.35 1.85
C LEU A 1163 -8.99 15.96 2.27
N GLU A 1164 -8.20 15.26 1.45
CA GLU A 1164 -7.76 13.92 1.80
C GLU A 1164 -6.88 13.95 3.05
N SER A 1165 -5.98 14.93 3.14
CA SER A 1165 -5.14 15.05 4.32
C SER A 1165 -5.97 15.31 5.57
N TRP A 1166 -6.98 16.19 5.46
CA TRP A 1166 -7.84 16.47 6.59
C TRP A 1166 -8.61 15.23 7.02
N GLN A 1167 -9.13 14.47 6.05
CA GLN A 1167 -9.86 13.26 6.39
C GLN A 1167 -8.96 12.23 7.06
N GLY A 1168 -7.73 12.08 6.56
CA GLY A 1168 -6.79 11.18 7.20
C GLY A 1168 -6.45 11.63 8.61
N LEU A 1169 -6.29 12.93 8.82
CA LEU A 1169 -6.04 13.45 10.16
C LEU A 1169 -7.21 13.13 11.09
N CYS A 1170 -8.43 13.32 10.61
CA CYS A 1170 -9.60 13.00 11.43
C CYS A 1170 -9.65 11.51 11.76
N SER A 1171 -9.37 10.67 10.76
CA SER A 1171 -9.39 9.23 11.00
C SER A 1171 -8.35 8.83 12.03
N SER A 1172 -7.15 9.39 11.94
CA SER A 1172 -6.12 9.11 12.94
C SER A 1172 -6.56 9.61 14.32
N ARG A 1173 -7.19 10.78 14.36
CA ARG A 1173 -7.68 11.30 15.63
C ARG A 1173 -8.69 10.35 16.27
N ASP A 1174 -9.60 9.80 15.46
CA ASP A 1174 -10.63 8.92 16.00
C ASP A 1174 -10.12 7.49 16.15
N ARG A 1175 -9.72 6.85 15.05
CA ARG A 1175 -9.37 5.43 15.10
C ARG A 1175 -8.07 5.21 15.85
N GLU A 1176 -7.03 5.97 15.52
CA GLU A 1176 -5.73 5.78 16.16
C GLU A 1176 -5.68 6.48 17.51
N ASP A 1177 -5.08 5.83 18.49
CA ASP A 1177 -4.94 6.37 19.85
C ASP A 1177 -3.49 6.19 20.28
N TYR A 1178 -2.69 7.22 20.11
CA TYR A 1178 -1.28 7.19 20.49
C TYR A 1178 -1.15 7.43 21.99
N LYS A 1179 0.08 7.61 22.47
CA LYS A 1179 0.34 7.87 23.87
C LYS A 1179 0.68 9.34 24.06
N PRO A 1180 -0.20 10.15 24.64
CA PRO A 1180 0.13 11.56 24.84
C PRO A 1180 1.32 11.73 25.79
N PHE A 1181 2.08 12.79 25.55
CA PHE A 1181 3.23 13.16 26.38
C PHE A 1181 3.15 14.65 26.69
N SER A 1182 4.12 15.13 27.47
CA SER A 1182 4.18 16.53 27.86
C SER A 1182 5.58 17.07 27.59
N ILE A 1183 5.66 18.34 27.22
CA ILE A 1183 6.92 18.99 26.91
C ILE A 1183 6.96 20.35 27.61
N ILE A 1184 8.17 20.87 27.75
CA ILE A 1184 8.42 22.17 28.36
C ILE A 1184 8.71 23.17 27.25
N VAL A 1185 7.93 24.24 27.21
CA VAL A 1185 8.10 25.24 26.15
C VAL A 1185 9.39 26.01 26.37
N GLY A 1186 10.05 26.36 25.28
CA GLY A 1186 11.28 27.13 25.34
C GLY A 1186 11.23 28.37 24.46
N ASN A 1187 12.39 28.88 24.07
CA ASN A 1187 12.45 30.07 23.24
C ASN A 1187 11.83 29.79 21.87
N ARG A 1188 11.20 30.81 21.31
CA ARG A 1188 10.54 30.73 20.02
C ARG A 1188 11.31 31.57 19.00
N THR A 1189 11.61 30.97 17.86
CA THR A 1189 12.29 31.64 16.77
C THR A 1189 11.30 31.89 15.64
N ALA A 1190 11.30 33.12 15.11
CA ALA A 1190 10.37 33.51 14.07
C ALA A 1190 11.02 33.23 12.72
N VAL A 1191 10.46 32.27 11.98
CA VAL A 1191 10.89 32.00 10.61
C VAL A 1191 9.74 32.38 9.70
N SER A 1192 9.94 32.26 8.39
CA SER A 1192 8.95 32.73 7.42
C SER A 1192 7.56 32.23 7.80
N ASP A 1193 6.66 33.16 8.11
CA ASP A 1193 5.27 32.85 8.47
C ASP A 1193 5.16 31.61 9.34
N PHE A 1194 6.12 31.41 10.25
CA PHE A 1194 6.10 30.27 11.15
C PHE A 1194 6.86 30.59 12.43
N TYR A 1195 6.56 29.83 13.48
CA TYR A 1195 7.26 29.90 14.75
C TYR A 1195 7.84 28.52 15.07
N ASP A 1196 9.12 28.48 15.40
CA ASP A 1196 9.80 27.25 15.78
C ASP A 1196 10.06 27.30 17.29
N VAL A 1197 9.52 26.32 18.01
CA VAL A 1197 9.63 26.25 19.46
C VAL A 1197 10.53 25.09 19.82
N TYR A 1198 11.51 25.35 20.70
CA TYR A 1198 12.44 24.32 21.16
C TYR A 1198 12.01 23.86 22.54
N ALA A 1199 11.85 22.55 22.70
CA ALA A 1199 11.42 21.96 23.96
C ALA A 1199 12.34 20.80 24.34
N SER A 1200 12.38 20.50 25.63
CA SER A 1200 13.16 19.39 26.16
C SER A 1200 12.22 18.24 26.49
N VAL A 1201 12.53 17.06 25.95
CA VAL A 1201 11.70 15.88 26.15
C VAL A 1201 12.58 14.73 26.62
N ALA A 1202 11.94 13.76 27.27
CA ALA A 1202 12.64 12.58 27.74
C ALA A 1202 12.87 11.61 26.60
N LYS A 1203 14.07 11.04 26.54
CA LYS A 1203 14.39 10.10 25.46
C LYS A 1203 13.47 8.89 25.49
N GLN A 1204 13.20 8.35 26.69
CA GLN A 1204 12.32 7.20 26.80
C GLN A 1204 10.92 7.54 26.31
N VAL A 1205 10.42 8.73 26.63
CA VAL A 1205 9.09 9.14 26.18
C VAL A 1205 9.07 9.23 24.65
N ILE A 1206 10.11 9.80 24.06
CA ILE A 1206 10.17 9.92 22.61
C ILE A 1206 10.18 8.53 21.98
N GLN A 1207 10.98 7.62 22.52
CA GLN A 1207 11.04 6.26 21.97
C GLN A 1207 9.68 5.57 22.08
N ASP A 1208 9.01 5.71 23.22
CA ASP A 1208 7.71 5.08 23.41
C ASP A 1208 6.69 5.66 22.44
N CYS A 1209 6.70 6.97 22.24
CA CYS A 1209 5.74 7.63 21.36
C CYS A 1209 6.11 7.52 19.88
N GLY A 1210 7.32 7.09 19.57
CA GLY A 1210 7.71 6.94 18.17
C GLY A 1210 7.68 8.24 17.40
N ILE A 1211 8.19 9.31 17.98
CA ILE A 1211 8.22 10.62 17.34
C ILE A 1211 9.48 10.72 16.49
N SER A 1212 9.31 11.07 15.22
CA SER A 1212 10.40 11.22 14.28
C SER A 1212 10.42 12.65 13.74
N GLU A 1213 11.33 12.90 12.80
CA GLU A 1213 11.50 14.22 12.21
C GLU A 1213 10.46 14.53 11.13
N SER A 1214 9.63 13.55 10.76
CA SER A 1214 8.60 13.76 9.76
C SER A 1214 7.22 13.45 10.32
N ASP A 1215 6.94 13.94 11.53
CA ASP A 1215 5.71 13.64 12.23
C ASP A 1215 4.94 14.92 12.54
N LEU A 1216 3.63 14.76 12.69
CA LEU A 1216 2.72 15.85 13.05
C LEU A 1216 2.12 15.56 14.42
N ILE A 1217 2.02 16.59 15.25
CA ILE A 1217 1.50 16.46 16.59
C ILE A 1217 0.47 17.56 16.85
N VAL A 1218 -0.34 17.34 17.88
CA VAL A 1218 -1.30 18.33 18.36
C VAL A 1218 -0.96 18.65 19.80
N MET A 1219 -0.87 19.94 20.12
CA MET A 1219 -0.47 20.42 21.43
C MET A 1219 -1.63 21.15 22.07
N ALA A 1220 -1.78 20.97 23.39
CA ALA A 1220 -2.87 21.58 24.13
C ALA A 1220 -2.37 22.03 25.50
N TYR A 1221 -3.08 22.99 26.07
CA TYR A 1221 -2.82 23.50 27.41
C TYR A 1221 -3.98 23.08 28.31
N LEU A 1222 -3.67 22.34 29.37
CA LEU A 1222 -4.67 21.75 30.26
C LEU A 1222 -4.34 22.16 31.70
N PRO A 1223 -4.70 23.38 32.10
CA PRO A 1223 -4.37 23.80 33.48
C PRO A 1223 -5.02 22.95 34.54
N ASP A 1224 -6.22 22.42 34.27
CA ASP A 1224 -6.96 21.63 35.25
C ASP A 1224 -6.63 20.15 35.18
N PHE A 1225 -5.76 19.74 34.27
CA PHE A 1225 -5.43 18.31 34.13
C PHE A 1225 -4.76 17.81 35.41
N ARG A 1226 -5.21 16.64 35.86
CA ARG A 1226 -4.62 15.99 37.02
C ARG A 1226 -3.49 15.07 36.58
N PRO A 1227 -2.27 15.22 37.13
CA PRO A 1227 -1.19 14.32 36.72
C PRO A 1227 -1.52 12.84 36.90
N ASP A 1228 -2.25 12.49 37.96
CA ASP A 1228 -2.63 11.11 38.17
C ASP A 1228 -3.66 10.64 37.15
N LYS A 1229 -4.55 11.53 36.73
CA LYS A 1229 -5.59 11.16 35.79
C LYS A 1229 -4.97 10.73 34.46
N ARG A 1230 -5.55 9.70 33.86
CA ARG A 1230 -5.07 9.21 32.57
C ARG A 1230 -5.26 10.27 31.50
N LEU A 1231 -4.31 10.32 30.56
CA LEU A 1231 -4.35 11.26 29.44
C LEU A 1231 -4.45 10.47 28.14
N SER A 1232 -5.40 10.86 27.29
CA SER A 1232 -5.61 10.18 26.02
C SER A 1232 -6.13 11.20 25.01
N SER A 1233 -6.33 10.74 23.77
CA SER A 1233 -6.81 11.62 22.72
C SER A 1233 -8.19 12.18 23.02
N ASP A 1234 -8.98 11.50 23.86
CA ASP A 1234 -10.30 12.01 24.21
C ASP A 1234 -10.18 13.36 24.92
N ASP A 1235 -9.20 13.51 25.80
CA ASP A 1235 -8.99 14.79 26.46
C ASP A 1235 -8.66 15.88 25.45
N PHE A 1236 -7.84 15.57 24.46
CA PHE A 1236 -7.54 16.54 23.42
C PHE A 1236 -8.79 16.92 22.64
N LYS A 1237 -9.65 15.94 22.34
CA LYS A 1237 -10.90 16.23 21.66
C LYS A 1237 -11.77 17.16 22.49
N LYS A 1238 -11.88 16.88 23.79
CA LYS A 1238 -12.66 17.75 24.67
C LYS A 1238 -12.04 19.13 24.78
N ALA A 1239 -10.72 19.20 24.90
CA ALA A 1239 -10.05 20.49 25.05
C ALA A 1239 -10.30 21.36 23.82
N GLN A 1240 -10.49 22.66 24.06
CA GLN A 1240 -10.76 23.60 22.98
C GLN A 1240 -9.51 24.33 22.48
N HIS A 1241 -8.41 24.29 23.25
CA HIS A 1241 -7.17 24.94 22.86
C HIS A 1241 -6.23 23.87 22.32
N THR A 1242 -6.24 23.72 20.99
CA THR A 1242 -5.40 22.75 20.32
C THR A 1242 -4.69 23.42 19.15
N CYS A 1243 -3.42 23.07 18.96
CA CYS A 1243 -2.60 23.65 17.90
C CYS A 1243 -1.82 22.55 17.21
N LEU A 1244 -1.83 22.56 15.88
CA LEU A 1244 -1.07 21.59 15.11
C LEU A 1244 0.38 22.04 14.97
N ALA A 1245 1.31 21.10 15.09
CA ALA A 1245 2.73 21.37 14.99
C ALA A 1245 3.41 20.27 14.20
N LYS A 1246 4.53 20.63 13.56
CA LYS A 1246 5.33 19.68 12.79
C LYS A 1246 6.66 19.50 13.50
N VAL A 1247 7.07 18.24 13.70
CA VAL A 1247 8.34 17.92 14.35
C VAL A 1247 9.44 18.12 13.31
N ARG A 1248 10.10 19.28 13.35
CA ARG A 1248 11.12 19.59 12.34
C ARG A 1248 12.38 18.75 12.54
N THR A 1249 12.86 18.64 13.78
CA THR A 1249 14.10 17.94 14.04
C THR A 1249 14.06 17.36 15.45
N LEU A 1250 14.87 16.33 15.66
CA LEU A 1250 14.99 15.66 16.97
C LEU A 1250 16.48 15.50 17.27
N LYS A 1251 16.99 16.30 18.19
CA LYS A 1251 18.40 16.27 18.60
C LYS A 1251 18.48 15.81 20.05
N ASN A 1252 19.36 14.83 20.30
CA ASN A 1252 19.54 14.28 21.64
C ASN A 1252 20.72 14.98 22.31
N THR A 1253 20.47 15.57 23.47
CA THR A 1253 21.48 16.29 24.22
C THR A 1253 21.95 15.45 25.41
N LYS A 1254 22.84 16.01 26.23
CA LYS A 1254 23.35 15.28 27.39
C LYS A 1254 22.22 15.01 28.38
N GLY A 1255 22.41 13.95 29.18
CA GLY A 1255 21.42 13.59 30.17
C GLY A 1255 20.19 12.91 29.62
N GLY A 1256 20.27 12.34 28.43
CA GLY A 1256 19.10 11.68 27.84
C GLY A 1256 17.95 12.62 27.60
N ASN A 1257 18.24 13.84 27.13
CA ASN A 1257 17.22 14.84 26.83
C ASN A 1257 17.25 15.16 25.34
N VAL A 1258 16.07 15.16 24.72
CA VAL A 1258 15.94 15.43 23.29
C VAL A 1258 15.43 16.85 23.11
N ASP A 1259 16.12 17.61 22.27
CA ASP A 1259 15.71 18.97 21.92
C ASP A 1259 14.79 18.89 20.71
N VAL A 1260 13.49 18.91 20.96
CA VAL A 1260 12.49 18.79 19.91
C VAL A 1260 12.15 20.18 19.39
N THR A 1261 12.21 20.34 18.07
CA THR A 1261 11.82 21.58 17.41
C THR A 1261 10.44 21.38 16.78
N LEU A 1262 9.51 22.25 17.14
CA LEU A 1262 8.13 22.17 16.66
C LEU A 1262 7.81 23.43 15.88
N ARG A 1263 7.40 23.26 14.63
CA ARG A 1263 7.02 24.37 13.77
C ARG A 1263 5.50 24.52 13.77
N ILE A 1264 5.03 25.75 14.02
CA ILE A 1264 3.62 26.07 14.07
C ILE A 1264 3.38 27.36 13.30
N HIS A 1265 2.11 27.65 13.04
CA HIS A 1265 1.73 28.86 12.32
C HIS A 1265 1.73 30.05 13.25
N ARG A 1266 2.20 31.20 12.76
CA ARG A 1266 2.27 32.40 13.59
C ARG A 1266 0.89 32.85 14.04
N ASN A 1267 -0.06 32.93 13.11
CA ASN A 1267 -1.35 33.53 13.40
C ASN A 1267 -2.18 32.71 14.39
N HIS A 1268 -1.80 31.47 14.65
CA HIS A 1268 -2.56 30.65 15.59
C HIS A 1268 -2.53 31.30 16.98
N SER A 1269 -3.71 31.40 17.59
CA SER A 1269 -3.81 32.07 18.89
C SER A 1269 -3.13 31.26 19.99
N PHE A 1270 -3.04 29.95 19.82
CA PHE A 1270 -2.48 29.09 20.87
C PHE A 1270 -1.06 29.48 21.22
N SER A 1271 -0.37 30.20 20.34
CA SER A 1271 0.99 30.65 20.66
C SER A 1271 1.03 31.48 21.93
N LYS A 1272 -0.09 32.12 22.29
CA LYS A 1272 -0.11 32.91 23.51
C LYS A 1272 0.11 32.04 24.75
N PHE A 1273 -0.22 30.75 24.66
CA PHE A 1273 0.00 29.83 25.77
C PHE A 1273 1.41 29.28 25.81
N LEU A 1274 2.23 29.56 24.79
CA LEU A 1274 3.59 29.01 24.71
C LEU A 1274 4.59 29.88 25.46
N THR A 1275 4.31 30.14 26.73
CA THR A 1275 5.24 30.88 27.57
C THR A 1275 6.41 30.01 27.96
N LEU A 1276 7.55 30.64 28.25
CA LEU A 1276 8.75 29.91 28.61
C LEU A 1276 8.53 29.08 29.87
N ARG A 1277 9.11 27.89 29.91
CA ARG A 1277 9.02 27.00 31.07
C ARG A 1277 7.56 26.65 31.37
N SER A 1278 6.79 26.39 30.32
CA SER A 1278 5.39 26.00 30.44
C SER A 1278 5.20 24.58 29.94
N GLU A 1279 4.34 23.83 30.62
CA GLU A 1279 4.07 22.44 30.27
C GLU A 1279 2.92 22.39 29.28
N ILE A 1280 3.16 21.78 28.12
CA ILE A 1280 2.17 21.64 27.06
C ILE A 1280 2.04 20.16 26.74
N TYR A 1281 0.81 19.67 26.68
CA TYR A 1281 0.55 18.25 26.42
C TYR A 1281 0.44 18.06 24.91
N CYS A 1282 1.37 17.31 24.34
CA CYS A 1282 1.43 17.06 22.91
C CYS A 1282 1.23 15.58 22.64
N VAL A 1283 0.49 15.26 21.59
CA VAL A 1283 0.24 13.88 21.18
C VAL A 1283 0.34 13.79 19.67
N LYS A 1284 0.97 12.71 19.19
CA LYS A 1284 1.12 12.52 17.74
C LYS A 1284 -0.22 12.31 17.08
N VAL A 1285 -0.32 12.72 15.82
CA VAL A 1285 -1.56 12.62 15.06
C VAL A 1285 -1.36 11.64 13.90
N MET A 1286 -0.41 11.95 13.02
CA MET A 1286 -0.16 11.13 11.85
C MET A 1286 1.22 11.48 11.29
N GLN A 1287 1.62 10.77 10.25
CA GLN A 1287 2.88 10.99 9.56
C GLN A 1287 2.60 11.68 8.23
N MET A 1288 3.30 12.79 7.98
CA MET A 1288 3.07 13.62 6.80
C MET A 1288 4.02 13.31 5.65
N THR A 1289 4.88 12.31 5.80
CA THR A 1289 5.87 12.02 4.76
C THR A 1289 5.19 11.77 3.42
N THR A 1290 4.17 10.92 3.39
CA THR A 1290 3.47 10.65 2.14
C THR A 1290 2.79 11.91 1.61
N ILE A 1291 2.14 12.66 2.48
CA ILE A 1291 1.48 13.88 2.05
C ILE A 1291 2.50 14.90 1.57
N GLU A 1292 3.63 15.01 2.27
CA GLU A 1292 4.68 15.93 1.83
C GLU A 1292 5.19 15.55 0.45
N ARG A 1293 5.43 14.26 0.21
CA ARG A 1293 5.91 13.83 -1.09
C ARG A 1293 4.87 14.08 -2.18
N GLU A 1294 3.59 13.83 -1.87
CA GLU A 1294 2.55 14.10 -2.86
C GLU A 1294 2.47 15.57 -3.21
N TYR A 1295 2.56 16.44 -2.19
CA TYR A 1295 2.54 17.88 -2.45
C TYR A 1295 3.75 18.32 -3.27
N SER A 1296 4.93 17.77 -2.94
CA SER A 1296 6.13 18.12 -3.69
C SER A 1296 6.00 17.70 -5.15
N THR A 1297 5.47 16.50 -5.40
CA THR A 1297 5.27 16.06 -6.77
C THR A 1297 4.25 16.93 -7.49
N LEU A 1298 3.17 17.31 -6.81
CA LEU A 1298 2.17 18.18 -7.43
C LEU A 1298 2.78 19.51 -7.81
N GLU A 1299 3.60 20.08 -6.93
CA GLU A 1299 4.23 21.36 -7.24
C GLU A 1299 5.25 21.23 -8.38
N GLY A 1300 6.04 20.16 -8.37
CA GLY A 1300 7.07 19.97 -9.37
C GLY A 1300 6.62 19.37 -10.68
N LEU A 1301 5.34 19.01 -10.81
CA LEU A 1301 4.85 18.47 -12.07
C LEU A 1301 5.08 19.42 -13.23
N GLU A 1302 5.19 20.72 -12.96
CA GLU A 1302 5.42 21.68 -14.05
C GLU A 1302 6.70 21.35 -14.80
N TYR A 1303 7.74 20.93 -14.08
CA TYR A 1303 9.05 20.68 -14.68
C TYR A 1303 9.22 19.24 -15.15
N TYR A 1304 8.23 18.38 -14.95
CA TYR A 1304 8.34 16.99 -15.38
C TYR A 1304 8.35 16.90 -16.90
N ASP A 1305 9.16 15.98 -17.42
CA ASP A 1305 9.26 15.81 -18.87
C ASP A 1305 7.93 15.39 -19.47
N LEU A 1306 7.21 14.48 -18.81
CA LEU A 1306 5.94 13.96 -19.29
C LEU A 1306 4.76 14.78 -18.79
N VAL A 1307 4.98 16.05 -18.41
CA VAL A 1307 3.89 16.88 -17.91
C VAL A 1307 2.83 17.07 -18.98
N GLY A 1308 3.24 17.28 -20.22
CA GLY A 1308 2.28 17.49 -21.29
C GLY A 1308 1.36 16.29 -21.48
N GLN A 1309 1.95 15.09 -21.51
CA GLN A 1309 1.14 13.88 -21.68
C GLN A 1309 0.18 13.70 -20.51
N ILE A 1310 0.66 13.95 -19.29
CA ILE A 1310 -0.20 13.78 -18.11
C ILE A 1310 -1.37 14.74 -18.16
N LEU A 1311 -1.10 16.01 -18.48
CA LEU A 1311 -2.17 17.01 -18.55
C LEU A 1311 -3.16 16.66 -19.66
N GLN A 1312 -2.65 16.37 -20.85
CA GLN A 1312 -3.51 15.98 -21.96
C GLN A 1312 -4.05 14.57 -21.79
N ALA A 1313 -3.41 13.75 -20.95
CA ALA A 1313 -3.81 12.36 -20.75
C ALA A 1313 -3.83 11.59 -22.07
N LYS A 1314 -2.87 11.91 -22.94
CA LYS A 1314 -2.77 11.27 -24.25
C LYS A 1314 -1.50 10.43 -24.31
N PRO A 1315 -1.57 9.11 -24.14
CA PRO A 1315 -0.38 8.28 -24.31
C PRO A 1315 0.19 8.40 -25.71
N SER A 1316 1.50 8.23 -25.82
CA SER A 1316 2.15 8.32 -27.11
C SER A 1316 1.54 7.30 -28.07
N PRO A 1317 1.35 7.66 -29.34
CA PRO A 1317 0.70 6.74 -30.26
C PRO A 1317 1.54 5.49 -30.44
N PRO A 1318 0.89 4.34 -30.67
CA PRO A 1318 1.66 3.10 -30.84
C PRO A 1318 2.59 3.17 -32.04
N VAL A 1319 3.75 2.54 -31.91
CA VAL A 1319 4.76 2.49 -32.96
C VAL A 1319 4.77 1.08 -33.53
N ASN A 1320 4.53 0.97 -34.83
CA ASN A 1320 4.51 -0.33 -35.47
C ASN A 1320 5.88 -0.99 -35.39
N VAL A 1321 5.89 -2.29 -35.09
CA VAL A 1321 7.11 -3.07 -34.99
C VAL A 1321 6.94 -4.35 -35.79
N ASP A 1322 8.06 -4.85 -36.33
CA ASP A 1322 8.02 -6.06 -37.13
C ASP A 1322 7.54 -7.24 -36.28
N ALA A 1323 6.70 -8.08 -36.88
CA ALA A 1323 6.18 -9.24 -36.18
C ALA A 1323 7.28 -10.24 -35.82
N ALA A 1324 8.41 -10.20 -36.54
CA ALA A 1324 9.50 -11.11 -36.21
C ALA A 1324 10.02 -10.87 -34.80
N GLU A 1325 10.17 -9.60 -34.41
CA GLU A 1325 10.61 -9.29 -33.06
C GLU A 1325 9.60 -9.79 -32.03
N ILE A 1326 8.31 -9.62 -32.31
CA ILE A 1326 7.28 -10.08 -31.38
C ILE A 1326 7.35 -11.59 -31.22
N GLU A 1327 7.49 -12.31 -32.33
CA GLU A 1327 7.59 -13.77 -32.27
C GLU A 1327 8.84 -14.21 -31.51
N THR A 1328 9.96 -13.52 -31.74
CA THR A 1328 11.19 -13.87 -31.03
C THR A 1328 11.04 -13.65 -29.53
N VAL A 1329 10.43 -12.53 -29.13
CA VAL A 1329 10.20 -12.27 -27.71
C VAL A 1329 9.28 -13.32 -27.11
N LYS A 1330 8.21 -13.67 -27.83
CA LYS A 1330 7.29 -14.69 -27.35
C LYS A 1330 8.00 -16.02 -27.14
N LYS A 1331 8.82 -16.43 -28.10
CA LYS A 1331 9.56 -17.68 -27.98
C LYS A 1331 10.54 -17.63 -26.83
N SER A 1332 11.26 -16.52 -26.67
CA SER A 1332 12.27 -16.43 -25.63
C SER A 1332 11.65 -16.46 -24.24
N TYR A 1333 10.56 -15.70 -24.04
CA TYR A 1333 9.93 -15.59 -22.73
C TYR A 1333 8.76 -16.56 -22.55
N LYS A 1334 8.46 -17.39 -23.55
CA LYS A 1334 7.40 -18.39 -23.43
C LYS A 1334 6.06 -17.75 -23.06
N LEU A 1335 5.80 -16.57 -23.62
CA LEU A 1335 4.57 -15.84 -23.38
C LEU A 1335 3.57 -16.14 -24.50
N ASN A 1336 2.46 -15.41 -24.51
CA ASN A 1336 1.46 -15.51 -25.56
C ASN A 1336 1.60 -14.33 -26.52
N THR A 1337 0.79 -14.34 -27.56
CA THR A 1337 0.88 -13.29 -28.57
C THR A 1337 0.55 -11.92 -27.98
N SER A 1338 -0.49 -11.85 -27.15
CA SER A 1338 -0.92 -10.56 -26.60
C SER A 1338 0.17 -9.94 -25.73
N GLN A 1339 0.76 -10.74 -24.84
CA GLN A 1339 1.78 -10.22 -23.94
C GLN A 1339 3.02 -9.77 -24.72
N ALA A 1340 3.43 -10.56 -25.71
CA ALA A 1340 4.60 -10.18 -26.51
C ALA A 1340 4.34 -8.90 -27.28
N GLU A 1341 3.15 -8.78 -27.88
CA GLU A 1341 2.81 -7.56 -28.59
C GLU A 1341 2.81 -6.35 -27.66
N ALA A 1342 2.22 -6.50 -26.47
CA ALA A 1342 2.19 -5.39 -25.52
C ALA A 1342 3.60 -5.00 -25.10
N ILE A 1343 4.46 -5.99 -24.84
CA ILE A 1343 5.83 -5.70 -24.43
C ILE A 1343 6.56 -4.94 -25.53
N VAL A 1344 6.45 -5.43 -26.77
CA VAL A 1344 7.16 -4.78 -27.87
C VAL A 1344 6.65 -3.36 -28.07
N ASN A 1345 5.33 -3.18 -28.05
CA ASN A 1345 4.78 -1.84 -28.23
C ASN A 1345 5.23 -0.90 -27.13
N SER A 1346 5.20 -1.36 -25.87
CA SER A 1346 5.59 -0.50 -24.76
C SER A 1346 7.05 -0.11 -24.84
N VAL A 1347 7.93 -1.08 -25.14
CA VAL A 1347 9.36 -0.78 -25.17
C VAL A 1347 9.69 0.11 -26.36
N SER A 1348 9.09 -0.16 -27.52
CA SER A 1348 9.47 0.56 -28.74
C SER A 1348 9.17 2.05 -28.62
N LYS A 1349 8.00 2.40 -28.08
CA LYS A 1349 7.54 3.78 -28.04
C LYS A 1349 7.84 4.40 -26.68
N GLU A 1350 8.31 5.64 -26.70
CA GLU A 1350 8.53 6.40 -25.48
C GLU A 1350 7.21 7.02 -25.01
N GLY A 1351 7.24 7.58 -23.80
CA GLY A 1351 6.06 8.17 -23.22
C GLY A 1351 5.34 7.24 -22.26
N PHE A 1352 4.02 7.31 -22.22
CA PHE A 1352 3.21 6.47 -21.36
C PHE A 1352 2.68 5.28 -22.15
N SER A 1353 2.84 4.08 -21.59
CA SER A 1353 2.34 2.86 -22.19
C SER A 1353 1.53 2.11 -21.15
N LEU A 1354 0.25 1.89 -21.43
CA LEU A 1354 -0.68 1.28 -20.47
C LEU A 1354 -1.02 -0.14 -20.92
N ILE A 1355 -0.87 -1.09 -20.00
CA ILE A 1355 -1.24 -2.48 -20.23
C ILE A 1355 -2.35 -2.83 -19.25
N GLN A 1356 -3.49 -3.25 -19.79
CA GLN A 1356 -4.66 -3.60 -18.99
C GLN A 1356 -4.85 -5.12 -19.08
N GLY A 1357 -4.56 -5.81 -17.99
CA GLY A 1357 -4.71 -7.25 -17.94
C GLY A 1357 -5.40 -7.69 -16.66
N PRO A 1358 -6.54 -8.35 -16.78
CA PRO A 1358 -7.22 -8.87 -15.59
C PRO A 1358 -6.31 -9.79 -14.80
N PRO A 1359 -6.69 -10.15 -13.57
CA PRO A 1359 -5.83 -11.01 -12.76
C PRO A 1359 -5.55 -12.34 -13.45
N GLY A 1360 -4.34 -12.84 -13.27
CA GLY A 1360 -3.93 -14.10 -13.87
C GLY A 1360 -3.55 -14.03 -15.32
N THR A 1361 -3.51 -12.83 -15.91
CA THR A 1361 -3.18 -12.66 -17.33
C THR A 1361 -1.70 -12.35 -17.55
N GLY A 1362 -0.84 -12.73 -16.61
CA GLY A 1362 0.58 -12.51 -16.77
C GLY A 1362 1.00 -11.06 -16.70
N LYS A 1363 0.24 -10.22 -16.00
CA LYS A 1363 0.61 -8.81 -15.88
C LYS A 1363 1.96 -8.66 -15.20
N THR A 1364 2.16 -9.36 -14.08
CA THR A 1364 3.47 -9.35 -13.43
C THR A 1364 4.52 -10.02 -14.31
N LYS A 1365 4.16 -11.14 -14.94
CA LYS A 1365 5.08 -11.77 -15.88
C LYS A 1365 5.36 -10.86 -17.06
N THR A 1366 4.36 -10.09 -17.49
CA THR A 1366 4.58 -9.12 -18.55
C THR A 1366 5.57 -8.05 -18.11
N ILE A 1367 5.45 -7.57 -16.87
CA ILE A 1367 6.39 -6.58 -16.35
C ILE A 1367 7.80 -7.16 -16.32
N LEU A 1368 7.93 -8.42 -15.86
CA LEU A 1368 9.24 -9.05 -15.84
C LEU A 1368 9.81 -9.18 -17.26
N GLY A 1369 8.97 -9.53 -18.22
CA GLY A 1369 9.43 -9.61 -19.59
C GLY A 1369 9.88 -8.27 -20.13
N ILE A 1370 9.15 -7.20 -19.80
CA ILE A 1370 9.56 -5.86 -20.21
C ILE A 1370 10.92 -5.53 -19.62
N ILE A 1371 11.10 -5.82 -18.32
CA ILE A 1371 12.38 -5.52 -17.67
C ILE A 1371 13.51 -6.28 -18.34
N GLY A 1372 13.29 -7.57 -18.59
CA GLY A 1372 14.33 -8.37 -19.23
C GLY A 1372 14.67 -7.89 -20.63
N TYR A 1373 13.65 -7.56 -21.41
CA TYR A 1373 13.88 -7.08 -22.78
C TYR A 1373 14.63 -5.76 -22.76
N PHE A 1374 14.26 -4.85 -21.86
CA PHE A 1374 14.97 -3.57 -21.77
C PHE A 1374 16.42 -3.78 -21.36
N LEU A 1375 16.66 -4.65 -20.36
CA LEU A 1375 18.03 -4.89 -19.93
C LEU A 1375 18.86 -5.51 -21.03
N SER A 1376 18.30 -6.46 -21.78
CA SER A 1376 19.04 -7.08 -22.88
C SER A 1376 19.37 -6.06 -23.95
N THR A 1377 18.43 -5.18 -24.27
CA THR A 1377 18.65 -4.15 -25.29
C THR A 1377 19.24 -2.89 -24.66
N LYS A 1403 25.14 2.71 -18.63
CA LYS A 1403 24.23 1.72 -18.05
C LYS A 1403 22.85 2.33 -17.80
N GLN A 1404 21.81 1.51 -17.95
CA GLN A 1404 20.44 1.94 -17.76
C GLN A 1404 19.87 1.32 -16.49
N LYS A 1405 19.25 2.15 -15.66
CA LYS A 1405 18.63 1.71 -14.42
C LYS A 1405 17.12 1.92 -14.51
N ILE A 1406 16.37 0.91 -14.07
CA ILE A 1406 14.92 0.89 -14.20
C ILE A 1406 14.30 0.91 -12.81
N LEU A 1407 13.29 1.75 -12.64
CA LEU A 1407 12.62 1.95 -11.36
C LEU A 1407 11.22 1.38 -11.43
N ILE A 1408 10.93 0.39 -10.58
CA ILE A 1408 9.62 -0.25 -10.49
C ILE A 1408 8.97 0.18 -9.19
N CYS A 1409 7.71 0.62 -9.28
CA CYS A 1409 6.97 1.11 -8.13
C CYS A 1409 5.62 0.43 -8.07
N ALA A 1410 5.24 -0.02 -6.88
CA ALA A 1410 3.93 -0.60 -6.67
C ALA A 1410 3.25 0.06 -5.48
N PRO A 1411 1.95 0.36 -5.56
CA PRO A 1411 1.29 1.05 -4.44
C PRO A 1411 1.37 0.29 -3.13
N SER A 1412 1.33 -1.04 -3.17
CA SER A 1412 1.33 -1.87 -1.97
C SER A 1412 2.66 -2.60 -1.84
N ASN A 1413 3.14 -2.73 -0.61
CA ASN A 1413 4.40 -3.42 -0.36
C ASN A 1413 4.33 -4.88 -0.79
N ALA A 1414 3.13 -5.48 -0.76
CA ALA A 1414 3.00 -6.87 -1.18
C ALA A 1414 3.37 -7.04 -2.64
N ALA A 1415 2.92 -6.13 -3.50
CA ALA A 1415 3.28 -6.21 -4.91
C ALA A 1415 4.78 -6.07 -5.12
N VAL A 1416 5.42 -5.16 -4.39
CA VAL A 1416 6.87 -4.99 -4.50
C VAL A 1416 7.57 -6.28 -4.07
N ASP A 1417 7.11 -6.88 -2.96
CA ASP A 1417 7.73 -8.11 -2.49
C ASP A 1417 7.56 -9.23 -3.51
N GLU A 1418 6.38 -9.34 -4.12
CA GLU A 1418 6.17 -10.35 -5.14
C GLU A 1418 7.07 -10.13 -6.34
N ILE A 1419 7.21 -8.88 -6.78
CA ILE A 1419 8.08 -8.59 -7.92
C ILE A 1419 9.52 -8.95 -7.59
N CYS A 1420 9.98 -8.59 -6.38
CA CYS A 1420 11.33 -8.93 -5.99
C CYS A 1420 11.55 -10.43 -5.94
N LEU A 1421 10.57 -11.17 -5.40
CA LEU A 1421 10.70 -12.63 -5.34
C LEU A 1421 10.76 -13.23 -6.74
N ARG A 1422 9.91 -12.74 -7.64
CA ARG A 1422 9.93 -13.25 -9.02
C ARG A 1422 11.26 -12.94 -9.69
N LEU A 1423 11.78 -11.72 -9.51
CA LEU A 1423 13.06 -11.37 -10.12
C LEU A 1423 14.21 -12.16 -9.53
N LYS A 1424 14.09 -12.57 -8.25
CA LYS A 1424 15.15 -13.35 -7.64
C LYS A 1424 15.39 -14.66 -8.39
N SER A 1425 14.36 -15.18 -9.06
CA SER A 1425 14.51 -16.42 -9.83
C SER A 1425 15.30 -16.21 -11.11
N GLY A 1426 15.58 -14.97 -11.48
CA GLY A 1426 16.31 -14.67 -12.69
C GLY A 1426 15.43 -14.05 -13.76
N VAL A 1427 16.08 -13.37 -14.71
CA VAL A 1427 15.41 -12.68 -15.80
C VAL A 1427 15.99 -13.18 -17.11
N TYR A 1428 15.12 -13.51 -18.06
CA TYR A 1428 15.53 -14.02 -19.36
C TYR A 1428 15.70 -12.88 -20.35
N ASP A 1429 16.64 -13.06 -21.28
CA ASP A 1429 16.90 -12.09 -22.33
C ASP A 1429 16.27 -12.57 -23.64
N LYS A 1430 16.55 -11.85 -24.72
CA LYS A 1430 16.00 -12.23 -26.02
C LYS A 1430 16.50 -13.60 -26.46
N GLN A 1431 17.79 -13.87 -26.24
CA GLN A 1431 18.37 -15.16 -26.63
C GLN A 1431 17.85 -16.31 -25.78
N GLY A 1432 17.16 -16.02 -24.67
CA GLY A 1432 16.64 -17.04 -23.79
C GLY A 1432 17.50 -17.34 -22.59
N HIS A 1433 18.75 -16.88 -22.58
CA HIS A 1433 19.61 -17.10 -21.43
C HIS A 1433 19.09 -16.32 -20.22
N GLN A 1434 19.19 -16.93 -19.05
CA GLN A 1434 18.71 -16.34 -17.81
C GLN A 1434 19.86 -15.65 -17.09
N PHE A 1435 19.65 -14.39 -16.71
CA PHE A 1435 20.65 -13.61 -16.00
C PHE A 1435 20.01 -12.97 -14.78
N LYS A 1436 20.82 -12.76 -13.74
CA LYS A 1436 20.35 -12.21 -12.47
C LYS A 1436 20.96 -10.84 -12.24
N PRO A 1437 20.23 -9.75 -12.50
CA PRO A 1437 20.77 -8.42 -12.22
C PRO A 1437 20.65 -8.09 -10.73
N GLN A 1438 21.35 -7.02 -10.35
CA GLN A 1438 21.33 -6.56 -8.96
C GLN A 1438 20.07 -5.76 -8.72
N LEU A 1439 19.23 -6.25 -7.81
CA LEU A 1439 17.96 -5.62 -7.47
C LEU A 1439 18.03 -5.03 -6.08
N VAL A 1440 17.53 -3.80 -5.94
CA VAL A 1440 17.55 -3.08 -4.67
C VAL A 1440 16.12 -2.77 -4.26
N ARG A 1441 15.76 -3.16 -3.04
CA ARG A 1441 14.45 -2.88 -2.46
C ARG A 1441 14.59 -1.68 -1.53
N VAL A 1442 13.98 -0.56 -1.90
CA VAL A 1442 14.06 0.67 -1.12
C VAL A 1442 12.94 0.63 -0.07
N GLY A 1443 13.29 0.26 1.15
CA GLY A 1443 12.31 0.20 2.22
C GLY A 1443 12.95 -0.32 3.48
N ARG A 1444 12.15 -0.35 4.54
CA ARG A 1444 12.60 -0.85 5.84
C ARG A 1444 12.36 -2.35 5.94
N SER A 1445 13.15 -3.00 6.80
CA SER A 1445 13.06 -4.45 6.93
C SER A 1445 11.70 -4.87 7.45
N ASP A 1446 11.13 -4.12 8.39
CA ASP A 1446 9.88 -4.52 9.02
C ASP A 1446 8.77 -4.67 7.99
N VAL A 1447 8.56 -3.65 7.15
CA VAL A 1447 7.49 -3.72 6.16
C VAL A 1447 7.84 -4.73 5.08
N VAL A 1448 9.10 -4.78 4.65
CA VAL A 1448 9.50 -5.69 3.60
C VAL A 1448 9.37 -7.13 4.09
N ASN A 1449 9.02 -8.03 3.18
CA ASN A 1449 8.84 -9.43 3.53
C ASN A 1449 10.15 -10.05 3.95
N VAL A 1450 10.05 -11.06 4.84
CA VAL A 1450 11.25 -11.73 5.33
C VAL A 1450 11.97 -12.47 4.22
N ALA A 1451 11.23 -13.01 3.25
CA ALA A 1451 11.85 -13.79 2.18
C ALA A 1451 12.84 -12.93 1.39
N ILE A 1452 12.46 -11.70 1.08
CA ILE A 1452 13.32 -10.79 0.33
C ILE A 1452 14.10 -9.87 1.27
N LYS A 1453 14.20 -10.22 2.56
CA LYS A 1453 14.91 -9.37 3.50
C LYS A 1453 16.37 -9.19 3.08
N ASP A 1454 16.94 -10.17 2.38
CA ASP A 1454 18.30 -10.03 1.89
C ASP A 1454 18.40 -8.92 0.87
N LEU A 1455 17.39 -8.79 0.00
CA LEU A 1455 17.41 -7.77 -1.05
C LEU A 1455 17.22 -6.35 -0.51
N THR A 1456 16.88 -6.21 0.77
CA THR A 1456 16.68 -4.88 1.33
C THR A 1456 17.96 -4.07 1.24
N LEU A 1457 17.80 -2.77 0.98
CA LEU A 1457 18.96 -1.90 0.81
C LEU A 1457 19.81 -1.86 2.07
N GLU A 1458 19.18 -1.80 3.24
CA GLU A 1458 19.93 -1.78 4.49
C GLU A 1458 20.76 -3.04 4.66
N GLU A 1459 20.17 -4.20 4.33
CA GLU A 1459 20.91 -5.45 4.45
C GLU A 1459 22.09 -5.48 3.48
N LEU A 1460 21.90 -4.99 2.26
CA LEU A 1460 23.00 -4.95 1.30
C LEU A 1460 24.11 -4.03 1.80
N VAL A 1461 23.75 -2.87 2.37
CA VAL A 1461 24.75 -1.97 2.91
C VAL A 1461 25.52 -2.64 4.04
N ASP A 1462 24.81 -3.34 4.92
CA ASP A 1462 25.47 -4.04 6.02
C ASP A 1462 26.42 -5.09 5.49
N LYS A 1463 26.01 -5.82 4.45
CA LYS A 1463 26.89 -6.82 3.85
C LYS A 1463 28.13 -6.17 3.25
N ARG A 1464 27.97 -5.00 2.63
CA ARG A 1464 29.09 -4.33 1.98
C ARG A 1464 30.22 -4.07 2.98
N ILE A 1465 29.89 -3.50 4.13
CA ILE A 1465 30.89 -3.18 5.15
C ILE A 1465 30.53 -3.87 6.46
N GLY A 1466 29.35 -3.56 6.99
CA GLY A 1466 28.91 -4.16 8.24
C GLY A 1466 29.52 -3.47 9.45
N GLY A 1530 39.16 12.48 33.34
CA GLY A 1530 39.14 13.86 32.88
C GLY A 1530 39.63 13.99 31.45
N ARG A 1531 40.91 14.32 31.29
CA ARG A 1531 41.47 14.48 29.94
C ARG A 1531 41.43 13.15 29.18
N ASP A 1532 41.73 12.05 29.86
CA ASP A 1532 41.67 10.74 29.21
C ASP A 1532 40.25 10.42 28.76
N ARG A 1533 39.26 10.74 29.60
CA ARG A 1533 37.87 10.52 29.22
C ARG A 1533 37.49 11.37 28.02
N ASP A 1534 37.94 12.62 28.00
CA ASP A 1534 37.65 13.48 26.84
C ASP A 1534 38.27 12.92 25.57
N GLU A 1535 39.52 12.45 25.66
CA GLU A 1535 40.17 11.86 24.49
C GLU A 1535 39.42 10.61 24.02
N MET A 1536 38.97 9.77 24.97
CA MET A 1536 38.22 8.58 24.59
C MET A 1536 36.91 8.96 23.91
N ARG A 1537 36.22 9.99 24.43
CA ARG A 1537 34.99 10.44 23.81
C ARG A 1537 35.23 10.96 22.40
N GLU A 1538 36.32 11.73 22.22
CA GLU A 1538 36.65 12.22 20.89
C GLU A 1538 36.94 11.08 19.93
N LYS A 1539 37.68 10.07 20.40
CA LYS A 1539 37.98 8.92 19.56
C LYS A 1539 36.70 8.17 19.18
N ASN A 1540 35.79 7.99 20.15
CA ASN A 1540 34.52 7.32 19.85
C ASN A 1540 33.70 8.11 18.85
N SER A 1541 33.65 9.43 19.00
CA SER A 1541 32.91 10.25 18.04
C SER A 1541 33.51 10.16 16.64
N VAL A 1542 34.84 10.19 16.56
CA VAL A 1542 35.50 10.06 15.26
C VAL A 1542 35.20 8.71 14.63
N ASN A 1543 35.24 7.64 15.44
CA ASN A 1543 34.92 6.31 14.92
C ASN A 1543 33.48 6.24 14.43
N TYR A 1544 32.54 6.84 15.17
CA TYR A 1544 31.15 6.85 14.74
C TYR A 1544 30.98 7.61 13.44
N ARG A 1545 31.66 8.75 13.31
CA ARG A 1545 31.59 9.52 12.06
C ARG A 1545 32.17 8.72 10.90
N ASN A 1546 33.28 8.02 11.14
CA ASN A 1546 33.86 7.19 10.09
C ASN A 1546 32.90 6.07 9.68
N ARG A 1547 32.23 5.46 10.66
CA ARG A 1547 31.26 4.42 10.36
C ARG A 1547 30.10 4.98 9.53
N ASP A 1548 29.63 6.19 9.89
CA ASP A 1548 28.56 6.80 9.12
C ASP A 1548 29.00 7.09 7.69
N LEU A 1549 30.22 7.58 7.52
CA LEU A 1549 30.73 7.83 6.17
C LEU A 1549 30.84 6.53 5.38
N ASP A 1550 31.30 5.46 6.02
CA ASP A 1550 31.39 4.17 5.34
C ASP A 1550 30.01 3.67 4.94
N ARG A 1551 29.02 3.84 5.82
CA ARG A 1551 27.65 3.44 5.47
C ARG A 1551 27.14 4.24 4.29
N ARG A 1552 27.37 5.55 4.28
CA ARG A 1552 26.93 6.37 3.16
C ARG A 1552 27.61 5.93 1.86
N ASN A 1553 28.91 5.67 1.91
CA ASN A 1553 29.63 5.24 0.71
C ASN A 1553 29.10 3.90 0.20
N ALA A 1554 28.86 2.96 1.12
CA ALA A 1554 28.34 1.66 0.71
C ALA A 1554 26.95 1.79 0.09
N GLN A 1555 26.09 2.62 0.70
CA GLN A 1555 24.75 2.82 0.15
C GLN A 1555 24.83 3.45 -1.24
N ALA A 1556 25.70 4.44 -1.42
CA ALA A 1556 25.85 5.06 -2.72
C ALA A 1556 26.34 4.06 -3.76
N HIS A 1557 27.32 3.23 -3.38
CA HIS A 1557 27.83 2.23 -4.31
C HIS A 1557 26.74 1.22 -4.68
N ILE A 1558 25.96 0.77 -3.70
CA ILE A 1558 24.89 -0.19 -3.98
C ILE A 1558 23.87 0.43 -4.93
N LEU A 1559 23.48 1.68 -4.67
CA LEU A 1559 22.49 2.32 -5.53
C LEU A 1559 23.02 2.53 -6.94
N ALA A 1560 24.29 2.92 -7.06
CA ALA A 1560 24.85 3.17 -8.39
C ALA A 1560 24.99 1.87 -9.18
N VAL A 1561 25.57 0.84 -8.56
CA VAL A 1561 25.80 -0.41 -9.29
C VAL A 1561 24.48 -1.10 -9.61
N SER A 1562 23.51 -1.01 -8.70
CA SER A 1562 22.24 -1.70 -8.91
C SER A 1562 21.56 -1.20 -10.18
N ASP A 1563 20.92 -2.14 -10.90
CA ASP A 1563 20.23 -1.83 -12.14
C ASP A 1563 18.73 -1.71 -11.97
N ILE A 1564 18.12 -2.53 -11.11
CA ILE A 1564 16.69 -2.52 -10.87
C ILE A 1564 16.44 -2.01 -9.47
N ILE A 1565 15.56 -1.01 -9.34
CA ILE A 1565 15.20 -0.44 -8.05
C ILE A 1565 13.70 -0.64 -7.89
N CYS A 1566 13.31 -1.58 -7.03
CA CYS A 1566 11.91 -1.88 -6.78
C CYS A 1566 11.49 -1.28 -5.44
N SER A 1567 10.34 -0.64 -5.42
CA SER A 1567 9.88 0.07 -4.22
C SER A 1567 8.39 0.39 -4.39
N THR A 1568 7.88 1.22 -3.49
CA THR A 1568 6.51 1.71 -3.56
C THR A 1568 6.50 3.15 -4.06
N LEU A 1569 5.30 3.60 -4.46
CA LEU A 1569 5.16 4.96 -4.96
C LEU A 1569 5.54 5.97 -3.90
N SER A 1570 5.07 5.78 -2.67
CA SER A 1570 5.46 6.67 -1.58
C SER A 1570 6.95 6.57 -1.29
N GLY A 1571 7.49 5.35 -1.31
CA GLY A 1571 8.91 5.16 -1.05
C GLY A 1571 9.82 5.46 -2.23
N SER A 1572 9.26 5.64 -3.43
CA SER A 1572 10.08 5.95 -4.58
C SER A 1572 10.74 7.32 -4.48
N ALA A 1573 10.20 8.21 -3.64
CA ALA A 1573 10.77 9.53 -3.40
C ALA A 1573 11.60 9.57 -2.12
N HIS A 1574 12.27 8.46 -1.78
CA HIS A 1574 13.06 8.41 -0.57
C HIS A 1574 14.17 9.45 -0.61
N ASP A 1575 14.47 10.03 0.55
CA ASP A 1575 15.46 11.09 0.62
C ASP A 1575 16.79 10.64 0.04
N VAL A 1576 17.14 9.37 0.22
CA VAL A 1576 18.41 8.87 -0.30
C VAL A 1576 18.46 8.98 -1.82
N LEU A 1577 17.37 8.59 -2.49
CA LEU A 1577 17.33 8.66 -3.94
C LEU A 1577 17.45 10.09 -4.44
N ALA A 1578 16.74 11.02 -3.79
CA ALA A 1578 16.81 12.42 -4.19
C ALA A 1578 18.22 12.97 -3.99
N THR A 1579 18.84 12.66 -2.85
CA THR A 1579 20.19 13.15 -2.57
C THR A 1579 21.19 12.59 -3.56
N MET A 1580 21.05 11.31 -3.92
CA MET A 1580 22.01 10.69 -4.84
C MET A 1580 21.97 11.37 -6.20
N GLY A 1581 20.79 11.72 -6.69
CA GLY A 1581 20.65 12.41 -7.95
C GLY A 1581 20.62 11.52 -9.17
N ILE A 1582 20.68 10.20 -9.01
CA ILE A 1582 20.64 9.30 -10.15
C ILE A 1582 19.34 9.49 -10.90
N LYS A 1583 19.40 9.38 -12.23
CA LYS A 1583 18.26 9.57 -13.11
C LYS A 1583 17.77 8.23 -13.61
N PHE A 1584 16.46 8.00 -13.50
CA PHE A 1584 15.82 6.77 -13.96
C PHE A 1584 15.03 7.09 -15.23
N ASP A 1585 15.53 6.63 -16.38
CA ASP A 1585 14.86 6.88 -17.66
C ASP A 1585 13.71 5.93 -17.92
N THR A 1586 13.61 4.83 -17.18
CA THR A 1586 12.55 3.85 -17.37
C THR A 1586 11.85 3.60 -16.04
N VAL A 1587 10.53 3.79 -16.03
CA VAL A 1587 9.72 3.63 -14.83
C VAL A 1587 8.57 2.69 -15.14
N ILE A 1588 8.30 1.77 -14.22
CA ILE A 1588 7.16 0.87 -14.30
C ILE A 1588 6.30 1.08 -13.06
N ILE A 1589 4.99 1.13 -13.26
CA ILE A 1589 4.02 1.34 -12.18
C ILE A 1589 3.10 0.13 -12.20
N ASP A 1590 3.30 -0.79 -11.25
CA ASP A 1590 2.46 -1.97 -11.16
C ASP A 1590 1.18 -1.65 -10.40
N GLU A 1591 0.06 -2.21 -10.87
CA GLU A 1591 -1.25 -1.97 -10.26
C GLU A 1591 -1.54 -0.47 -10.20
N ALA A 1592 -1.44 0.18 -11.35
CA ALA A 1592 -1.63 1.63 -11.43
C ALA A 1592 -3.04 2.04 -11.01
N CYS A 1593 -4.00 1.11 -11.04
CA CYS A 1593 -5.37 1.44 -10.66
C CYS A 1593 -5.57 1.50 -9.16
N GLN A 1594 -4.58 1.07 -8.36
CA GLN A 1594 -4.68 1.08 -6.92
C GLN A 1594 -4.08 2.32 -6.28
N CYS A 1595 -3.64 3.29 -7.09
CA CYS A 1595 -2.99 4.49 -6.60
C CYS A 1595 -3.59 5.72 -7.28
N THR A 1596 -3.60 6.83 -6.54
CA THR A 1596 -4.09 8.09 -7.09
C THR A 1596 -3.10 8.64 -8.12
N GLU A 1597 -3.52 9.71 -8.79
CA GLU A 1597 -2.67 10.33 -9.80
C GLU A 1597 -1.37 10.83 -9.20
N LEU A 1598 -1.45 11.48 -8.03
CA LEU A 1598 -0.25 12.01 -7.40
C LEU A 1598 0.71 10.89 -7.03
N SER A 1599 0.20 9.79 -6.48
CA SER A 1599 1.07 8.68 -6.12
C SER A 1599 1.73 8.08 -7.35
N SER A 1600 0.97 7.91 -8.43
CA SER A 1600 1.54 7.35 -9.65
C SER A 1600 2.56 8.28 -10.28
N ILE A 1601 2.40 9.59 -10.10
CA ILE A 1601 3.32 10.55 -10.69
C ILE A 1601 4.55 10.82 -9.81
N ILE A 1602 4.48 10.47 -8.52
CA ILE A 1602 5.64 10.68 -7.64
C ILE A 1602 6.92 10.10 -8.22
N PRO A 1603 6.97 8.85 -8.69
CA PRO A 1603 8.23 8.31 -9.20
C PRO A 1603 8.71 8.95 -10.48
N LEU A 1604 7.88 9.75 -11.15
CA LEU A 1604 8.28 10.37 -12.40
C LEU A 1604 9.17 11.60 -12.19
N ARG A 1605 9.39 12.01 -10.94
CA ARG A 1605 10.21 13.19 -10.69
C ARG A 1605 11.66 13.00 -11.14
N TYR A 1606 12.12 11.75 -11.22
CA TYR A 1606 13.52 11.48 -11.57
C TYR A 1606 13.72 11.43 -13.09
N GLY A 1607 13.27 12.48 -13.78
CA GLY A 1607 13.47 12.56 -15.22
C GLY A 1607 12.89 11.39 -15.97
N GLY A 1608 11.70 10.94 -15.59
CA GLY A 1608 11.08 9.80 -16.24
C GLY A 1608 10.64 10.11 -17.66
N LYS A 1609 11.34 9.53 -18.64
CA LYS A 1609 10.99 9.73 -20.04
C LYS A 1609 10.09 8.62 -20.57
N ARG A 1610 10.21 7.41 -20.04
CA ARG A 1610 9.37 6.29 -20.43
C ARG A 1610 8.72 5.70 -19.18
N CYS A 1611 7.39 5.63 -19.19
CA CYS A 1611 6.62 5.10 -18.07
C CYS A 1611 5.66 4.04 -18.60
N ILE A 1612 5.64 2.89 -17.95
CA ILE A 1612 4.77 1.77 -18.33
C ILE A 1612 3.91 1.45 -17.12
N MET A 1613 2.60 1.66 -17.27
CA MET A 1613 1.64 1.44 -16.19
C MET A 1613 0.86 0.15 -16.48
N VAL A 1614 0.88 -0.77 -15.53
CA VAL A 1614 0.17 -2.04 -15.65
C VAL A 1614 -0.87 -2.09 -14.54
N GLY A 1615 -2.14 -2.23 -14.93
CA GLY A 1615 -3.21 -2.31 -13.95
C GLY A 1615 -4.53 -2.60 -14.63
N ASP A 1616 -5.45 -3.15 -13.85
CA ASP A 1616 -6.78 -3.51 -14.33
C ASP A 1616 -7.82 -2.64 -13.62
N PRO A 1617 -8.66 -1.91 -14.35
CA PRO A 1617 -9.61 -1.01 -13.67
C PRO A 1617 -10.57 -1.73 -12.74
N ASN A 1618 -10.94 -2.97 -13.04
CA ASN A 1618 -11.90 -3.69 -12.20
C ASN A 1618 -11.33 -4.01 -10.81
N GLN A 1619 -10.02 -3.87 -10.62
CA GLN A 1619 -9.44 -4.10 -9.31
C GLN A 1619 -9.87 -3.01 -8.34
N LEU A 1620 -9.41 -3.11 -7.09
CA LEU A 1620 -9.80 -2.15 -6.07
C LEU A 1620 -9.26 -0.76 -6.42
N PRO A 1621 -10.00 0.29 -6.09
CA PRO A 1621 -9.51 1.65 -6.34
C PRO A 1621 -8.52 2.07 -5.27
N PRO A 1622 -7.89 3.23 -5.43
CA PRO A 1622 -6.98 3.70 -4.38
C PRO A 1622 -7.68 3.85 -3.04
N THR A 1623 -6.96 3.55 -1.98
CA THR A 1623 -7.52 3.62 -0.63
C THR A 1623 -7.68 5.07 -0.20
N VAL A 1624 -8.87 5.63 -0.40
CA VAL A 1624 -9.18 7.00 -0.04
C VAL A 1624 -10.12 6.98 1.16
N LEU A 1625 -9.78 7.75 2.19
CA LEU A 1625 -10.55 7.79 3.42
C LEU A 1625 -11.69 8.79 3.38
N SER A 1626 -11.81 9.58 2.31
CA SER A 1626 -12.83 10.61 2.19
C SER A 1626 -13.82 10.23 1.09
N GLY A 1627 -15.09 10.10 1.46
CA GLY A 1627 -16.11 9.90 0.45
C GLY A 1627 -16.31 11.11 -0.44
N ALA A 1628 -16.21 12.31 0.14
CA ALA A 1628 -16.34 13.53 -0.65
C ALA A 1628 -15.25 13.60 -1.71
N ALA A 1629 -14.01 13.28 -1.34
CA ALA A 1629 -12.92 13.30 -2.31
C ALA A 1629 -13.20 12.34 -3.47
N SER A 1630 -13.68 11.13 -3.15
CA SER A 1630 -14.05 10.19 -4.20
C SER A 1630 -15.16 10.76 -5.07
N ASN A 1631 -16.11 11.48 -4.47
CA ASN A 1631 -17.19 12.10 -5.25
C ASN A 1631 -16.63 13.08 -6.28
N PHE A 1632 -15.51 13.74 -5.95
CA PHE A 1632 -14.83 14.63 -6.89
C PHE A 1632 -13.86 13.88 -7.80
N LYS A 1633 -14.01 12.57 -7.91
CA LYS A 1633 -13.16 11.73 -8.77
C LYS A 1633 -11.70 11.75 -8.31
N TYR A 1634 -11.44 12.09 -7.05
CA TYR A 1634 -10.07 12.03 -6.55
C TYR A 1634 -9.56 10.59 -6.54
N ASN A 1635 -10.42 9.64 -6.18
CA ASN A 1635 -10.02 8.24 -6.17
C ASN A 1635 -9.64 7.75 -7.57
N GLN A 1636 -10.14 8.39 -8.62
CA GLN A 1636 -9.78 7.99 -9.97
C GLN A 1636 -8.28 8.08 -10.16
N SER A 1637 -7.70 7.01 -10.71
CA SER A 1637 -6.26 6.93 -10.93
C SER A 1637 -5.91 7.48 -12.31
N LEU A 1638 -4.64 7.86 -12.45
CA LEU A 1638 -4.16 8.33 -13.76
C LEU A 1638 -4.32 7.25 -14.82
N PHE A 1639 -4.17 5.98 -14.44
CA PHE A 1639 -4.36 4.90 -15.39
C PHE A 1639 -5.79 4.89 -15.93
N VAL A 1640 -6.78 5.11 -15.06
CA VAL A 1640 -8.16 5.12 -15.51
C VAL A 1640 -8.41 6.26 -16.49
N ARG A 1641 -7.89 7.44 -16.18
CA ARG A 1641 -8.08 8.59 -17.07
C ARG A 1641 -7.40 8.34 -18.41
N MET A 1642 -6.19 7.80 -18.39
CA MET A 1642 -5.49 7.49 -19.64
C MET A 1642 -6.25 6.46 -20.46
N GLU A 1643 -6.80 5.44 -19.80
CA GLU A 1643 -7.60 4.44 -20.50
C GLU A 1643 -8.83 5.07 -21.12
N LYS A 1644 -9.47 6.00 -20.40
CA LYS A 1644 -10.62 6.71 -20.97
C LYS A 1644 -10.20 7.50 -22.21
N ASN A 1645 -9.06 8.18 -22.15
CA ASN A 1645 -8.60 8.96 -23.29
C ASN A 1645 -8.26 8.05 -24.48
N SER A 1646 -7.55 6.96 -24.23
CA SER A 1646 -7.14 6.06 -25.29
C SER A 1646 -7.19 4.62 -24.78
N SER A 1647 -7.31 3.69 -25.72
CA SER A 1647 -7.42 2.27 -25.38
C SER A 1647 -6.04 1.70 -25.07
N PRO A 1648 -5.81 1.18 -23.86
CA PRO A 1648 -4.51 0.53 -23.58
C PRO A 1648 -4.34 -0.79 -24.30
N TYR A 1649 -3.23 -1.47 -24.05
CA TYR A 1649 -3.00 -2.80 -24.61
C TYR A 1649 -3.71 -3.81 -23.74
N LEU A 1650 -4.72 -4.48 -24.30
CA LEU A 1650 -5.60 -5.34 -23.52
C LEU A 1650 -5.12 -6.78 -23.55
N LEU A 1651 -5.23 -7.45 -22.40
CA LEU A 1651 -4.93 -8.87 -22.28
C LEU A 1651 -6.22 -9.60 -21.92
N ASP A 1652 -6.54 -10.65 -22.67
CA ASP A 1652 -7.79 -11.39 -22.49
C ASP A 1652 -7.57 -12.87 -22.19
N VAL A 1653 -6.34 -13.29 -21.92
CA VAL A 1653 -6.02 -14.69 -21.65
C VAL A 1653 -5.41 -14.77 -20.26
N GLN A 1654 -5.94 -15.67 -19.44
CA GLN A 1654 -5.46 -15.89 -18.09
C GLN A 1654 -4.72 -17.21 -17.99
N TYR A 1655 -3.84 -17.32 -17.00
CA TYR A 1655 -3.07 -18.54 -16.79
C TYR A 1655 -2.94 -18.91 -15.32
N ARG A 1656 -3.71 -18.30 -14.43
CA ARG A 1656 -3.61 -18.57 -12.99
C ARG A 1656 -4.88 -19.14 -12.40
N MET A 1657 -6.02 -18.49 -12.61
CA MET A 1657 -7.24 -18.88 -11.92
C MET A 1657 -7.79 -20.19 -12.48
N HIS A 1658 -8.31 -21.03 -11.58
CA HIS A 1658 -8.95 -22.26 -12.00
C HIS A 1658 -10.21 -21.92 -12.80
N PRO A 1659 -10.48 -22.63 -13.91
CA PRO A 1659 -11.65 -22.27 -14.73
C PRO A 1659 -12.95 -22.25 -13.94
N SER A 1660 -13.16 -23.21 -13.05
CA SER A 1660 -14.37 -23.20 -12.23
C SER A 1660 -14.42 -21.97 -11.34
N ILE A 1661 -13.28 -21.60 -10.75
CA ILE A 1661 -13.24 -20.41 -9.91
C ILE A 1661 -13.49 -19.16 -10.75
N SER A 1662 -13.02 -19.15 -12.00
CA SER A 1662 -13.16 -18.00 -12.88
C SER A 1662 -14.50 -17.98 -13.61
N LYS A 1663 -15.35 -19.00 -13.44
CA LYS A 1663 -16.65 -19.00 -14.11
C LYS A 1663 -17.47 -17.78 -13.72
N PHE A 1664 -17.60 -17.52 -12.43
CA PHE A 1664 -18.47 -16.44 -11.96
C PHE A 1664 -17.79 -15.08 -12.10
N PRO A 1665 -16.54 -14.91 -11.66
CA PRO A 1665 -15.91 -13.59 -11.82
C PRO A 1665 -15.87 -13.10 -13.26
N SER A 1666 -15.60 -14.00 -14.21
CA SER A 1666 -15.54 -13.59 -15.61
C SER A 1666 -16.92 -13.31 -16.17
N SER A 1667 -17.91 -14.13 -15.82
CA SER A 1667 -19.24 -13.96 -16.38
C SER A 1667 -19.94 -12.72 -15.81
N GLU A 1668 -19.69 -12.38 -14.55
CA GLU A 1668 -20.37 -11.27 -13.90
C GLU A 1668 -19.58 -9.97 -14.00
N PHE A 1669 -18.37 -9.96 -13.45
CA PHE A 1669 -17.59 -8.72 -13.40
C PHE A 1669 -17.17 -8.27 -14.80
N TYR A 1670 -16.58 -9.18 -15.58
CA TYR A 1670 -16.08 -8.84 -16.91
C TYR A 1670 -17.07 -9.14 -18.02
N GLN A 1671 -18.20 -9.79 -17.71
CA GLN A 1671 -19.16 -10.18 -18.74
C GLN A 1671 -18.47 -10.93 -19.87
N GLY A 1672 -17.56 -11.82 -19.50
CA GLY A 1672 -16.76 -12.54 -20.48
C GLY A 1672 -15.43 -11.87 -20.72
N ARG A 1673 -14.92 -11.96 -21.95
CA ARG A 1673 -13.67 -11.34 -22.36
C ARG A 1673 -12.46 -11.90 -21.61
N LEU A 1674 -12.62 -13.01 -20.90
CA LEU A 1674 -11.54 -13.62 -20.13
C LEU A 1674 -11.56 -15.11 -20.40
N LYS A 1675 -10.60 -15.61 -21.17
CA LYS A 1675 -10.55 -17.01 -21.57
C LYS A 1675 -9.49 -17.74 -20.75
N ASP A 1676 -9.86 -18.89 -20.20
CA ASP A 1676 -8.95 -19.69 -19.41
C ASP A 1676 -7.89 -20.34 -20.30
N GLY A 1677 -6.80 -20.76 -19.67
CA GLY A 1677 -5.70 -21.38 -20.39
C GLY A 1677 -6.08 -22.74 -20.92
N PRO A 1678 -5.28 -23.27 -21.86
CA PRO A 1678 -5.63 -24.57 -22.46
C PRO A 1678 -5.75 -25.69 -21.45
N GLY A 1679 -4.90 -25.70 -20.42
CA GLY A 1679 -4.89 -26.80 -19.47
C GLY A 1679 -4.88 -26.35 -18.02
N MET A 1680 -5.59 -25.25 -17.71
CA MET A 1680 -5.63 -24.76 -16.34
C MET A 1680 -6.23 -25.80 -15.40
N ASP A 1681 -7.32 -26.44 -15.82
CA ASP A 1681 -7.96 -27.43 -14.95
C ASP A 1681 -7.03 -28.61 -14.68
N ILE A 1682 -6.33 -29.09 -15.71
CA ILE A 1682 -5.47 -30.25 -15.54
C ILE A 1682 -4.33 -29.94 -14.58
N LEU A 1683 -3.69 -28.78 -14.74
CA LEU A 1683 -2.56 -28.42 -13.91
C LEU A 1683 -2.97 -27.97 -12.51
N ASN A 1684 -4.25 -27.64 -12.31
CA ASN A 1684 -4.75 -27.21 -11.00
C ASN A 1684 -5.28 -28.35 -10.16
N LYS A 1685 -5.30 -29.58 -10.68
CA LYS A 1685 -5.78 -30.70 -9.90
C LYS A 1685 -4.89 -30.92 -8.68
N ARG A 1686 -5.50 -31.10 -7.52
CA ARG A 1686 -4.80 -31.31 -6.27
C ARG A 1686 -5.44 -32.44 -5.50
N PRO A 1687 -4.66 -33.16 -4.69
CA PRO A 1687 -5.23 -34.33 -3.98
C PRO A 1687 -6.38 -33.98 -3.06
N TRP A 1688 -6.32 -32.81 -2.40
CA TRP A 1688 -7.39 -32.44 -1.48
C TRP A 1688 -8.68 -32.10 -2.20
N HIS A 1689 -8.63 -31.83 -3.50
CA HIS A 1689 -9.85 -31.56 -4.25
C HIS A 1689 -10.76 -32.79 -4.26
N GLN A 1690 -10.18 -33.99 -4.17
CA GLN A 1690 -11.00 -35.20 -4.16
C GLN A 1690 -11.91 -35.24 -2.94
N LEU A 1691 -11.39 -34.84 -1.77
CA LEU A 1691 -12.18 -34.84 -0.56
C LEU A 1691 -13.40 -33.93 -0.72
N GLU A 1692 -14.55 -34.41 -0.26
CA GLU A 1692 -15.77 -33.61 -0.38
C GLU A 1692 -15.67 -32.28 0.37
N PRO A 1693 -15.19 -32.23 1.61
CA PRO A 1693 -15.14 -30.94 2.31
C PRO A 1693 -14.31 -29.89 1.59
N LEU A 1694 -13.22 -30.29 0.94
CA LEU A 1694 -12.31 -29.36 0.28
C LEU A 1694 -12.45 -29.51 -1.23
N ALA A 1695 -12.80 -28.43 -1.90
CA ALA A 1695 -13.00 -28.42 -3.34
C ALA A 1695 -12.35 -27.18 -3.92
N PRO A 1696 -12.08 -27.17 -5.23
CA PRO A 1696 -11.46 -25.97 -5.82
C PRO A 1696 -12.25 -24.71 -5.56
N TYR A 1697 -13.59 -24.79 -5.58
CA TYR A 1697 -14.45 -23.67 -5.24
C TYR A 1697 -15.48 -24.15 -4.23
N LYS A 1698 -15.61 -23.43 -3.13
CA LYS A 1698 -16.56 -23.80 -2.09
C LYS A 1698 -16.93 -22.56 -1.29
N PHE A 1699 -18.20 -22.49 -0.89
CA PHE A 1699 -18.72 -21.38 -0.08
C PHE A 1699 -19.25 -21.96 1.21
N PHE A 1700 -18.60 -21.63 2.33
CA PHE A 1700 -18.99 -22.13 3.64
C PHE A 1700 -19.82 -21.08 4.36
N ASP A 1701 -20.96 -21.51 4.90
CA ASP A 1701 -21.87 -20.63 5.60
C ASP A 1701 -21.71 -20.79 7.10
N ILE A 1702 -21.70 -19.67 7.82
CA ILE A 1702 -21.58 -19.65 9.27
C ILE A 1702 -23.00 -19.52 9.81
N ILE A 1703 -23.55 -20.63 10.30
CA ILE A 1703 -24.92 -20.61 10.82
C ILE A 1703 -25.02 -19.71 12.04
N SER A 1704 -24.05 -19.82 12.95
CA SER A 1704 -24.03 -19.03 14.19
C SER A 1704 -22.71 -18.25 14.20
N GLY A 1705 -22.78 -16.99 13.78
CA GLY A 1705 -21.60 -16.14 13.76
C GLY A 1705 -21.94 -14.66 13.87
N ARG A 1706 -21.28 -13.97 14.80
CA ARG A 1706 -21.49 -12.55 15.00
C ARG A 1706 -20.14 -11.86 15.13
N GLN A 1707 -20.08 -10.60 14.70
CA GLN A 1707 -18.86 -9.81 14.74
C GLN A 1707 -19.06 -8.60 15.65
N GLU A 1708 -18.03 -8.30 16.44
CA GLU A 1708 -18.06 -7.18 17.37
C GLU A 1708 -17.21 -6.03 16.81
N GLN A 1709 -17.80 -4.85 16.76
CA GLN A 1709 -17.12 -3.67 16.23
C GLN A 1709 -16.29 -3.02 17.32
N ASN A 1710 -15.02 -2.76 17.03
CA ASN A 1710 -14.14 -2.14 18.00
C ASN A 1710 -14.58 -0.71 18.28
N ALA A 1711 -14.50 -0.31 19.55
CA ALA A 1711 -14.92 1.04 19.93
C ALA A 1711 -14.06 2.10 19.26
N LYS A 1712 -12.75 1.88 19.19
CA LYS A 1712 -11.83 2.88 18.66
C LYS A 1712 -11.64 2.74 17.16
N THR A 1713 -11.15 1.58 16.71
CA THR A 1713 -10.87 1.38 15.30
C THR A 1713 -12.14 1.22 14.46
N MET A 1714 -13.28 0.98 15.09
CA MET A 1714 -14.55 0.81 14.35
C MET A 1714 -14.42 -0.30 13.31
N SER A 1715 -13.72 -1.38 13.68
CA SER A 1715 -13.49 -2.51 12.79
C SER A 1715 -14.16 -3.75 13.37
N TYR A 1716 -14.98 -4.41 12.56
CA TYR A 1716 -15.66 -5.62 13.00
C TYR A 1716 -14.67 -6.78 13.11
N THR A 1717 -15.05 -7.77 13.93
CA THR A 1717 -14.23 -8.97 14.09
C THR A 1717 -15.08 -10.05 14.73
N ASN A 1718 -15.03 -11.26 14.17
CA ASN A 1718 -15.76 -12.41 14.68
C ASN A 1718 -14.80 -13.58 14.84
N MET A 1719 -14.82 -14.20 16.02
CA MET A 1719 -13.94 -15.33 16.29
C MET A 1719 -14.43 -16.63 15.66
N GLU A 1720 -15.71 -16.70 15.28
CA GLU A 1720 -16.24 -17.93 14.70
C GLU A 1720 -15.54 -18.27 13.39
N GLU A 1721 -15.36 -17.27 12.53
CA GLU A 1721 -14.67 -17.50 11.27
C GLU A 1721 -13.21 -17.90 11.50
N ILE A 1722 -12.57 -17.29 12.49
CA ILE A 1722 -11.18 -17.66 12.81
C ILE A 1722 -11.13 -19.13 13.23
N ARG A 1723 -12.05 -19.54 14.08
CA ARG A 1723 -12.06 -20.93 14.53
C ARG A 1723 -12.33 -21.88 13.36
N VAL A 1724 -13.27 -21.53 12.49
CA VAL A 1724 -13.58 -22.38 11.34
C VAL A 1724 -12.36 -22.50 10.43
N ALA A 1725 -11.67 -21.38 10.17
CA ALA A 1725 -10.49 -21.41 9.32
C ALA A 1725 -9.39 -22.25 9.96
N ILE A 1726 -9.20 -22.13 11.28
CA ILE A 1726 -8.18 -22.92 11.96
C ILE A 1726 -8.51 -24.41 11.85
N GLU A 1727 -9.78 -24.76 12.03
CA GLU A 1727 -10.18 -26.17 11.90
C GLU A 1727 -9.94 -26.68 10.48
N LEU A 1728 -10.30 -25.86 9.48
CA LEU A 1728 -10.08 -26.27 8.10
C LEU A 1728 -8.59 -26.48 7.82
N VAL A 1729 -7.74 -25.57 8.29
CA VAL A 1729 -6.31 -25.68 8.05
C VAL A 1729 -5.76 -26.92 8.75
N ASP A 1730 -6.20 -27.16 9.99
CA ASP A 1730 -5.74 -28.35 10.71
C ASP A 1730 -6.15 -29.62 10.00
N TYR A 1731 -7.40 -29.67 9.51
CA TYR A 1731 -7.85 -30.85 8.78
C TYR A 1731 -7.04 -31.06 7.51
N LEU A 1732 -6.79 -29.99 6.76
CA LEU A 1732 -6.01 -30.09 5.54
C LEU A 1732 -4.60 -30.59 5.83
N PHE A 1733 -3.97 -30.04 6.87
CA PHE A 1733 -2.63 -30.49 7.24
C PHE A 1733 -2.64 -31.97 7.61
N ARG A 1734 -3.54 -32.36 8.53
CA ARG A 1734 -3.59 -33.74 8.97
C ARG A 1734 -3.80 -34.69 7.80
N LYS A 1735 -4.61 -34.28 6.82
CA LYS A 1735 -4.84 -35.14 5.66
C LYS A 1735 -3.61 -35.19 4.76
N PHE A 1736 -2.90 -34.07 4.62
CA PHE A 1736 -1.77 -33.98 3.69
C PHE A 1736 -0.60 -33.25 4.35
N ASP A 1737 -0.27 -33.62 5.58
CA ASP A 1737 0.86 -33.01 6.27
C ASP A 1737 2.16 -33.29 5.53
N ASN A 1738 2.52 -34.57 5.39
CA ASN A 1738 3.79 -34.94 4.77
C ASN A 1738 3.65 -35.13 3.26
N LYS A 1739 2.46 -35.45 2.78
CA LYS A 1739 2.28 -35.72 1.35
C LYS A 1739 2.62 -34.49 0.52
N ILE A 1740 2.14 -33.31 0.93
CA ILE A 1740 2.39 -32.07 0.22
C ILE A 1740 2.78 -31.01 1.23
N ASP A 1741 3.85 -30.26 0.93
CA ASP A 1741 4.27 -29.15 1.77
C ASP A 1741 3.50 -27.90 1.41
N PHE A 1742 3.02 -27.19 2.43
CA PHE A 1742 2.21 -25.99 2.25
C PHE A 1742 3.00 -24.71 2.50
N THR A 1743 4.33 -24.78 2.47
CA THR A 1743 5.16 -23.60 2.69
C THR A 1743 4.85 -22.55 1.63
N GLY A 1744 4.31 -21.42 2.06
CA GLY A 1744 4.00 -20.34 1.14
C GLY A 1744 2.97 -20.70 0.10
N LYS A 1745 1.92 -21.41 0.51
CA LYS A 1745 0.86 -21.82 -0.40
C LYS A 1745 -0.54 -21.57 0.12
N ILE A 1746 -0.71 -21.17 1.38
CA ILE A 1746 -2.01 -20.93 1.98
C ILE A 1746 -2.07 -19.49 2.44
N GLY A 1747 -3.10 -18.77 2.01
CA GLY A 1747 -3.29 -17.39 2.40
C GLY A 1747 -4.71 -17.14 2.85
N ILE A 1748 -4.86 -16.22 3.80
CA ILE A 1748 -6.15 -15.83 4.35
C ILE A 1748 -6.27 -14.33 4.20
N ILE A 1749 -7.29 -13.88 3.45
CA ILE A 1749 -7.54 -12.47 3.19
C ILE A 1749 -8.81 -12.07 3.94
N SER A 1750 -8.71 -11.00 4.71
CA SER A 1750 -9.85 -10.48 5.47
C SER A 1750 -10.00 -8.99 5.16
N PRO A 1751 -11.20 -8.51 4.86
CA PRO A 1751 -11.36 -7.08 4.54
C PRO A 1751 -10.96 -6.15 5.67
N TYR A 1752 -10.96 -6.62 6.92
CA TYR A 1752 -10.75 -5.76 8.08
C TYR A 1752 -9.36 -6.03 8.66
N ARG A 1753 -8.63 -4.95 8.98
CA ARG A 1753 -7.32 -5.11 9.59
C ARG A 1753 -7.41 -5.83 10.94
N GLU A 1754 -8.38 -5.46 11.76
CA GLU A 1754 -8.52 -6.10 13.07
C GLU A 1754 -8.82 -7.59 12.92
N GLN A 1755 -9.69 -7.94 11.96
CA GLN A 1755 -9.99 -9.35 11.73
C GLN A 1755 -8.74 -10.11 11.32
N MET A 1756 -7.93 -9.53 10.43
CA MET A 1756 -6.70 -10.19 10.00
C MET A 1756 -5.73 -10.36 11.18
N GLN A 1757 -5.60 -9.33 12.02
CA GLN A 1757 -4.71 -9.42 13.17
C GLN A 1757 -5.18 -10.51 14.12
N LYS A 1758 -6.48 -10.58 14.40
CA LYS A 1758 -7.00 -11.62 15.27
C LYS A 1758 -6.79 -13.00 14.67
N MET A 1759 -7.01 -13.13 13.36
CA MET A 1759 -6.77 -14.41 12.69
C MET A 1759 -5.33 -14.84 12.86
N ARG A 1760 -4.39 -13.92 12.62
CA ARG A 1760 -2.97 -14.25 12.75
C ARG A 1760 -2.63 -14.64 14.19
N LYS A 1761 -3.14 -13.88 15.17
CA LYS A 1761 -2.85 -14.17 16.57
C LYS A 1761 -3.37 -15.54 16.96
N GLU A 1762 -4.61 -15.86 16.57
CA GLU A 1762 -5.19 -17.14 16.97
C GLU A 1762 -4.50 -18.30 16.24
N PHE A 1763 -4.11 -18.09 14.98
CA PHE A 1763 -3.37 -19.13 14.27
C PHE A 1763 -2.02 -19.38 14.93
N ALA A 1764 -1.32 -18.32 15.35
CA ALA A 1764 -0.06 -18.49 16.05
C ALA A 1764 -0.28 -19.21 17.37
N ARG A 1765 -1.34 -18.87 18.09
CA ARG A 1765 -1.63 -19.55 19.36
C ARG A 1765 -1.90 -21.03 19.14
N TYR A 1766 -2.65 -21.36 18.09
CA TYR A 1766 -3.05 -22.75 17.86
C TYR A 1766 -1.89 -23.57 17.29
N PHE A 1767 -1.37 -23.17 16.13
CA PHE A 1767 -0.31 -23.94 15.49
C PHE A 1767 1.06 -23.59 16.05
N GLY A 1768 1.45 -22.31 15.93
CA GLY A 1768 2.74 -21.87 16.43
C GLY A 1768 3.55 -21.14 15.37
N GLY A 1769 4.82 -21.52 15.22
CA GLY A 1769 5.69 -20.85 14.27
C GLY A 1769 5.45 -21.23 12.83
N MET A 1770 4.80 -22.37 12.58
CA MET A 1770 4.55 -22.80 11.20
C MET A 1770 3.76 -21.75 10.44
N ILE A 1771 2.84 -21.06 11.13
CA ILE A 1771 2.01 -20.05 10.46
C ILE A 1771 2.88 -18.95 9.88
N ASN A 1772 4.06 -18.72 10.46
CA ASN A 1772 4.95 -17.69 9.92
C ASN A 1772 5.38 -18.00 8.49
N LYS A 1773 5.44 -19.29 8.13
CA LYS A 1773 5.87 -19.72 6.81
C LYS A 1773 4.78 -20.47 6.06
N SER A 1774 4.14 -21.44 6.71
CA SER A 1774 3.15 -22.26 6.01
C SER A 1774 1.92 -21.46 5.61
N ILE A 1775 1.58 -20.41 6.36
CA ILE A 1775 0.36 -19.65 6.15
C ILE A 1775 0.72 -18.17 6.06
N ASP A 1776 -0.15 -17.42 5.37
CA ASP A 1776 -0.02 -15.97 5.28
C ASP A 1776 -1.38 -15.34 5.59
N PHE A 1777 -1.34 -14.15 6.18
CA PHE A 1777 -2.54 -13.39 6.51
C PHE A 1777 -2.42 -11.99 5.94
N ASN A 1778 -3.51 -11.49 5.37
CA ASN A 1778 -3.49 -10.18 4.73
C ASN A 1778 -4.92 -9.70 4.56
N THR A 1779 -5.07 -8.52 3.95
CA THR A 1779 -6.35 -7.95 3.60
C THR A 1779 -6.51 -7.93 2.08
N ILE A 1780 -7.76 -7.79 1.64
CA ILE A 1780 -8.05 -7.84 0.20
C ILE A 1780 -7.25 -6.77 -0.53
N ASP A 1781 -7.30 -5.53 -0.04
CA ASP A 1781 -6.51 -4.47 -0.66
C ASP A 1781 -5.01 -4.73 -0.49
N GLY A 1782 -4.60 -5.14 0.71
CA GLY A 1782 -3.20 -5.43 0.96
C GLY A 1782 -2.70 -6.68 0.27
N PHE A 1783 -3.60 -7.61 -0.04
CA PHE A 1783 -3.24 -8.83 -0.74
C PHE A 1783 -3.42 -8.72 -2.25
N GLN A 1784 -3.82 -7.55 -2.75
CA GLN A 1784 -4.01 -7.38 -4.18
C GLN A 1784 -2.72 -7.66 -4.92
N GLY A 1785 -2.83 -8.46 -5.99
CA GLY A 1785 -1.69 -8.85 -6.78
C GLY A 1785 -0.99 -10.11 -6.30
N GLN A 1786 -1.24 -10.53 -5.06
CA GLN A 1786 -0.57 -11.72 -4.52
C GLN A 1786 -1.16 -12.99 -5.12
N GLU A 1787 -0.35 -14.04 -5.12
CA GLU A 1787 -0.73 -15.34 -5.68
C GLU A 1787 -0.49 -16.42 -4.63
N LYS A 1788 -1.51 -17.25 -4.40
CA LYS A 1788 -1.39 -18.36 -3.47
C LYS A 1788 -2.24 -19.51 -3.98
N GLU A 1789 -1.75 -20.74 -3.73
CA GLU A 1789 -2.46 -21.92 -4.20
C GLU A 1789 -3.83 -22.06 -3.54
N ILE A 1790 -3.90 -21.78 -2.24
CA ILE A 1790 -5.14 -21.90 -1.47
C ILE A 1790 -5.43 -20.55 -0.84
N ILE A 1791 -6.67 -20.07 -1.00
CA ILE A 1791 -7.10 -18.79 -0.47
C ILE A 1791 -8.35 -18.97 0.37
N LEU A 1792 -8.37 -18.31 1.53
CA LEU A 1792 -9.52 -18.29 2.42
C LEU A 1792 -9.95 -16.84 2.59
N ILE A 1793 -11.14 -16.52 2.07
CA ILE A 1793 -11.68 -15.16 2.11
C ILE A 1793 -12.65 -15.08 3.28
N SER A 1794 -12.29 -14.30 4.30
CA SER A 1794 -13.09 -14.18 5.51
C SER A 1794 -14.04 -13.01 5.38
N CYS A 1795 -15.34 -13.28 5.50
CA CYS A 1795 -16.37 -12.24 5.45
C CYS A 1795 -16.71 -11.85 6.88
N VAL A 1796 -16.24 -10.68 7.31
CA VAL A 1796 -16.41 -10.27 8.70
C VAL A 1796 -17.88 -10.04 9.00
N ARG A 1797 -18.64 -9.51 8.04
CA ARG A 1797 -20.05 -9.19 8.26
C ARG A 1797 -20.86 -10.47 8.27
N ALA A 1798 -20.83 -11.15 9.43
CA ALA A 1798 -21.53 -12.41 9.62
C ALA A 1798 -22.82 -12.25 10.42
N ASP A 1799 -23.22 -11.03 10.75
CA ASP A 1799 -24.41 -10.78 11.54
C ASP A 1799 -25.50 -10.20 10.66
N ASP A 1800 -26.68 -10.82 10.69
CA ASP A 1800 -27.80 -10.37 9.86
C ASP A 1800 -28.45 -9.11 10.41
N THR A 1801 -28.43 -8.91 11.73
CA THR A 1801 -29.09 -7.76 12.32
C THR A 1801 -28.49 -6.45 11.82
N LYS A 1802 -27.22 -6.47 11.39
CA LYS A 1802 -26.60 -5.25 10.89
C LYS A 1802 -27.31 -4.74 9.64
N SER A 1803 -27.70 -5.66 8.75
CA SER A 1803 -28.42 -5.36 7.52
C SER A 1803 -27.56 -4.62 6.49
N SER A 1804 -26.27 -4.45 6.76
CA SER A 1804 -25.36 -3.78 5.84
C SER A 1804 -24.11 -4.63 5.66
N VAL A 1805 -23.65 -4.74 4.41
CA VAL A 1805 -22.45 -5.52 4.10
C VAL A 1805 -21.19 -4.69 4.09
N GLY A 1806 -21.31 -3.36 4.16
CA GLY A 1806 -20.14 -2.51 4.18
C GLY A 1806 -19.52 -2.35 2.80
N PHE A 1807 -18.27 -1.88 2.80
CA PHE A 1807 -17.55 -1.62 1.55
C PHE A 1807 -17.41 -2.87 0.69
N LEU A 1808 -17.68 -4.06 1.24
CA LEU A 1808 -17.66 -5.27 0.43
C LEU A 1808 -18.71 -5.25 -0.68
N LYS A 1809 -19.72 -4.37 -0.55
CA LYS A 1809 -20.77 -4.33 -1.56
C LYS A 1809 -20.21 -4.00 -2.94
N ASP A 1810 -19.11 -3.26 -3.00
CA ASP A 1810 -18.54 -2.89 -4.29
C ASP A 1810 -18.03 -4.12 -5.02
N PHE A 1811 -18.23 -4.13 -6.35
CA PHE A 1811 -17.84 -5.29 -7.14
C PHE A 1811 -16.32 -5.46 -7.20
N ARG A 1812 -15.58 -4.37 -7.14
CA ARG A 1812 -14.12 -4.46 -7.23
C ARG A 1812 -13.56 -5.25 -6.04
N ARG A 1813 -14.09 -5.02 -4.84
CA ARG A 1813 -13.62 -5.75 -3.67
C ARG A 1813 -13.81 -7.25 -3.86
N MET A 1814 -15.01 -7.66 -4.27
CA MET A 1814 -15.27 -9.08 -4.48
C MET A 1814 -14.40 -9.66 -5.58
N ASN A 1815 -14.22 -8.91 -6.67
CA ASN A 1815 -13.37 -9.39 -7.76
C ASN A 1815 -11.95 -9.62 -7.29
N VAL A 1816 -11.39 -8.65 -6.56
CA VAL A 1816 -10.02 -8.80 -6.08
C VAL A 1816 -9.92 -9.98 -5.12
N ALA A 1817 -10.89 -10.11 -4.21
CA ALA A 1817 -10.85 -11.21 -3.25
C ALA A 1817 -10.92 -12.55 -3.94
N LEU A 1818 -11.78 -12.69 -4.95
CA LEU A 1818 -11.96 -13.97 -5.61
C LEU A 1818 -10.79 -14.29 -6.54
N THR A 1819 -10.13 -13.28 -7.10
CA THR A 1819 -9.06 -13.49 -8.06
C THR A 1819 -7.72 -13.81 -7.42
N ARG A 1820 -7.69 -14.14 -6.13
CA ARG A 1820 -6.44 -14.49 -5.47
C ARG A 1820 -6.15 -15.99 -5.52
N ALA A 1821 -7.18 -16.82 -5.60
CA ALA A 1821 -6.99 -18.26 -5.57
C ALA A 1821 -6.52 -18.79 -6.92
N LYS A 1822 -5.52 -19.67 -6.87
CA LYS A 1822 -5.04 -20.36 -8.05
C LYS A 1822 -5.68 -21.73 -8.23
N THR A 1823 -5.83 -22.49 -7.14
CA THR A 1823 -6.43 -23.81 -7.18
C THR A 1823 -7.65 -23.92 -6.29
N SER A 1824 -7.57 -23.46 -5.04
CA SER A 1824 -8.64 -23.63 -4.07
C SER A 1824 -9.03 -22.29 -3.47
N ILE A 1825 -10.34 -22.02 -3.45
CA ILE A 1825 -10.89 -20.80 -2.86
C ILE A 1825 -11.99 -21.21 -1.89
N TRP A 1826 -11.91 -20.71 -0.66
CA TRP A 1826 -12.90 -21.00 0.38
C TRP A 1826 -13.39 -19.69 0.96
N VAL A 1827 -14.68 -19.43 0.84
CA VAL A 1827 -15.28 -18.18 1.31
C VAL A 1827 -16.05 -18.48 2.59
N LEU A 1828 -15.72 -17.78 3.67
CA LEU A 1828 -16.37 -17.93 4.96
C LEU A 1828 -17.24 -16.70 5.22
N GLY A 1829 -18.50 -16.94 5.58
CA GLY A 1829 -19.41 -15.85 5.84
C GLY A 1829 -20.76 -16.38 6.26
N HIS A 1830 -21.66 -15.44 6.53
CA HIS A 1830 -23.03 -15.75 6.93
C HIS A 1830 -23.95 -15.56 5.73
N GLN A 1831 -24.71 -16.60 5.39
CA GLN A 1831 -25.55 -16.55 4.19
C GLN A 1831 -26.61 -15.46 4.31
N ARG A 1832 -27.28 -15.38 5.47
CA ARG A 1832 -28.38 -14.44 5.61
C ARG A 1832 -27.90 -12.99 5.49
N SER A 1833 -26.78 -12.68 6.16
CA SER A 1833 -26.28 -11.30 6.13
C SER A 1833 -25.85 -10.90 4.72
N LEU A 1834 -25.17 -11.80 4.01
CA LEU A 1834 -24.66 -11.47 2.69
C LEU A 1834 -25.76 -11.47 1.63
N ALA A 1835 -26.81 -12.27 1.81
CA ALA A 1835 -27.85 -12.38 0.79
C ALA A 1835 -28.58 -11.06 0.56
N LYS A 1836 -28.52 -10.13 1.51
CA LYS A 1836 -29.23 -8.87 1.34
C LYS A 1836 -28.69 -8.09 0.16
N SER A 1837 -27.36 -8.03 0.02
CA SER A 1837 -26.76 -7.32 -1.10
C SER A 1837 -26.95 -8.11 -2.40
N LYS A 1838 -27.18 -7.37 -3.49
CA LYS A 1838 -27.46 -8.02 -4.76
C LYS A 1838 -26.26 -8.83 -5.25
N LEU A 1839 -25.06 -8.27 -5.13
CA LEU A 1839 -23.87 -8.96 -5.64
C LEU A 1839 -23.63 -10.27 -4.90
N TRP A 1840 -23.64 -10.22 -3.56
CA TRP A 1840 -23.44 -11.44 -2.80
C TRP A 1840 -24.61 -12.40 -2.97
N ARG A 1841 -25.82 -11.89 -3.16
CA ARG A 1841 -26.96 -12.76 -3.44
C ARG A 1841 -26.74 -13.53 -4.74
N ASP A 1842 -26.27 -12.83 -5.79
CA ASP A 1842 -25.99 -13.51 -7.05
C ASP A 1842 -24.86 -14.51 -6.90
N LEU A 1843 -23.83 -14.16 -6.12
CA LEU A 1843 -22.73 -15.10 -5.91
C LEU A 1843 -23.22 -16.36 -5.20
N ILE A 1844 -24.07 -16.20 -4.18
CA ILE A 1844 -24.60 -17.35 -3.46
C ILE A 1844 -25.48 -18.19 -4.36
N GLU A 1845 -26.29 -17.54 -5.21
CA GLU A 1845 -27.12 -18.29 -6.15
C GLU A 1845 -26.26 -19.10 -7.12
N ASP A 1846 -25.19 -18.48 -7.63
CA ASP A 1846 -24.29 -19.20 -8.53
C ASP A 1846 -23.63 -20.37 -7.82
N ALA A 1847 -23.21 -20.18 -6.57
CA ALA A 1847 -22.61 -21.27 -5.81
C ALA A 1847 -23.61 -22.41 -5.63
N LYS A 1848 -24.86 -22.07 -5.32
CA LYS A 1848 -25.89 -23.10 -5.20
C LYS A 1848 -26.11 -23.84 -6.51
N ASP A 1849 -26.07 -23.11 -7.62
CA ASP A 1849 -26.24 -23.75 -8.93
C ASP A 1849 -25.18 -24.81 -9.17
N ARG A 1850 -23.94 -24.52 -8.77
CA ARG A 1850 -22.84 -25.46 -8.91
C ARG A 1850 -22.71 -26.40 -7.71
N SER A 1851 -23.62 -26.31 -6.74
CA SER A 1851 -23.59 -27.16 -5.55
C SER A 1851 -22.31 -26.95 -4.74
N CYS A 1852 -21.74 -25.75 -4.82
CA CYS A 1852 -20.54 -25.42 -4.06
C CYS A 1852 -20.84 -24.83 -2.69
N LEU A 1853 -22.12 -24.57 -2.38
CA LEU A 1853 -22.48 -24.03 -1.07
C LEU A 1853 -22.23 -25.06 0.02
N ALA A 1854 -21.75 -24.60 1.16
CA ALA A 1854 -21.47 -25.47 2.30
C ALA A 1854 -21.86 -24.75 3.58
N TYR A 1855 -22.15 -25.53 4.61
CA TYR A 1855 -22.51 -25.02 5.93
C TYR A 1855 -21.41 -25.41 6.91
N ALA A 1856 -20.92 -24.42 7.66
CA ALA A 1856 -19.84 -24.62 8.61
C ALA A 1856 -20.17 -23.95 9.93
N CYS A 1857 -19.58 -24.46 11.00
CA CYS A 1857 -19.78 -23.91 12.34
C CYS A 1857 -18.64 -24.42 13.22
N SER A 1858 -18.76 -24.20 14.52
CA SER A 1858 -17.72 -24.63 15.46
C SER A 1858 -17.67 -26.16 15.51
N GLY A 1859 -16.54 -26.72 15.10
CA GLY A 1859 -16.36 -28.16 15.15
C GLY A 1859 -17.17 -28.95 14.15
N PHE A 1860 -17.56 -28.33 13.04
CA PHE A 1860 -18.37 -29.03 12.05
C PHE A 1860 -17.64 -30.20 11.41
N LEU A 1861 -16.31 -30.24 11.49
CA LEU A 1861 -15.52 -31.36 11.00
C LEU A 1861 -15.07 -32.29 12.12
N ASP A 1862 -15.61 -32.12 13.32
CA ASP A 1862 -15.22 -32.96 14.46
C ASP A 1862 -16.32 -33.97 14.74
N PRO A 1863 -16.11 -35.26 14.48
CA PRO A 1863 -17.16 -36.24 14.81
C PRO A 1863 -17.57 -36.22 16.28
N ARG A 1864 -16.63 -35.95 17.19
CA ARG A 1864 -16.97 -35.92 18.61
C ARG A 1864 -17.97 -34.82 18.90
N ASN A 1865 -17.80 -33.65 18.28
CA ASN A 1865 -18.70 -32.51 18.51
C ASN A 1865 -20.00 -32.77 17.78
N ASN A 1866 -20.88 -33.54 18.43
CA ASN A 1866 -22.18 -33.84 17.87
C ASN A 1866 -23.08 -32.62 17.82
N ARG A 1867 -22.79 -31.58 18.61
CA ARG A 1867 -23.60 -30.37 18.57
C ARG A 1867 -23.55 -29.72 17.20
N ALA A 1868 -22.36 -29.68 16.59
CA ALA A 1868 -22.24 -29.10 15.25
C ALA A 1868 -23.05 -29.89 14.24
N GLN A 1869 -23.01 -31.23 14.32
CA GLN A 1869 -23.81 -32.05 13.40
C GLN A 1869 -25.29 -31.80 13.61
N SER A 1870 -25.74 -31.70 14.87
CA SER A 1870 -27.15 -31.43 15.15
C SER A 1870 -27.56 -30.07 14.59
N ILE A 1871 -26.71 -29.06 14.76
CA ILE A 1871 -27.02 -27.73 14.23
C ILE A 1871 -27.12 -27.78 12.71
N LEU A 1872 -26.18 -28.47 12.06
CA LEU A 1872 -26.23 -28.59 10.61
C LEU A 1872 -27.50 -29.29 10.15
N ARG A 1873 -27.88 -30.37 10.83
CA ARG A 1873 -29.10 -31.08 10.47
C ARG A 1873 -30.33 -30.20 10.64
N LYS A 1874 -30.39 -29.45 11.74
CA LYS A 1874 -31.53 -28.56 11.96
C LYS A 1874 -31.60 -27.48 10.90
N PHE A 1875 -30.46 -26.89 10.55
CA PHE A 1875 -30.46 -25.83 9.55
C PHE A 1875 -30.89 -26.36 8.19
N ASN A 1876 -30.44 -27.56 7.81
CA ASN A 1876 -30.82 -28.16 6.54
C ASN A 1876 -32.32 -28.34 6.45
PB ADP C . -1.50 -10.80 -10.67
O1B ADP C . -1.80 -10.92 -9.20
O2B ADP C . -0.38 -9.85 -11.01
O3B ADP C . -2.72 -10.65 -11.56
PA ADP C . -0.48 -12.55 -12.59
O1A ADP C . -1.67 -12.31 -13.48
O2A ADP C . 0.82 -11.81 -12.86
O3A ADP C . -0.92 -12.25 -11.07
O5' ADP C . -0.17 -14.13 -12.59
C5' ADP C . -0.03 -14.80 -13.83
C4' ADP C . 0.38 -16.26 -13.63
O4' ADP C . 0.07 -17.00 -14.81
C3' ADP C . 1.86 -16.41 -13.36
O3' ADP C . 2.08 -16.90 -12.03
C2' ADP C . 2.38 -17.39 -14.39
O2' ADP C . 2.99 -18.53 -13.76
C1' ADP C . 1.17 -17.80 -15.22
N9 ADP C . 1.44 -17.57 -16.67
C8 ADP C . 1.31 -16.40 -17.30
N7 ADP C . 1.63 -16.52 -18.62
C5 ADP C . 1.97 -17.80 -18.84
C6 ADP C . 2.41 -18.61 -20.00
N6 ADP C . 2.55 -18.05 -21.23
N1 ADP C . 2.66 -19.92 -19.79
C2 ADP C . 2.52 -20.49 -18.58
N3 ADP C . 2.13 -19.82 -17.48
C4 ADP C . 1.85 -18.50 -17.54
MG MG D . 0.72 -8.23 -11.51
BE BEF E . -4.04 -8.91 -10.44
F1 BEF E . -2.90 -8.07 -9.85
F2 BEF E . -4.75 -8.19 -11.64
F3 BEF E . -5.12 -9.17 -9.36
#